data_9R5T
#
_entry.id   9R5T
#
_cell.length_a   67.236
_cell.length_b   100.946
_cell.length_c   90.251
_cell.angle_alpha   90.00
_cell.angle_beta   108.12
_cell.angle_gamma   90.00
#
_symmetry.space_group_name_H-M   'P 1 21 1'
#
loop_
_entity.id
_entity.type
_entity.pdbx_description
1 polymer 'Guanine-N7 methyltransferase nsp14'
2 non-polymer 'ZINC ION'
3 non-polymer S-ADENOSYL-L-HOMOCYSTEINE
4 non-polymer ~{N}-[(1-cyclopropyl-6-fluoranyl-indazol-7-yl)methyl]-1,5-dimethyl-4-[(7-methyl-2~{H}-indazol-5-yl)sulfonyl]pyrrole-2-carboxamide
5 non-polymer 'CHLORIDE ION'
6 non-polymer 1,2-ETHANEDIOL
7 non-polymer IMIDAZOLE
8 non-polymer 'ISOPROPYL ALCOHOL'
9 non-polymer 'SULFATE ION'
10 water water
#
_entity_poly.entity_id   1
_entity_poly.type   'polypeptide(L)'
_entity_poly.pdbx_seq_one_letter_code
;SAENVTGLFKDCSKVITGLHPTQAPTHLSVDTKFKTEGLCVDIPGIPKDMTYRRLISMMGFKMNYQVNGYPNMFITREEA
IRHVRAWIGFAVAGCHATREAVGTNLPLQLGFSTGVNLVAVPTGYVDTPNNTDFSRVSAKPPPGDQFKHLIPLMYKGLPW
NVVRIKIVQMLSDTLKNLSDRVVFVLWAHGFELTSMKYFVKIGPERTCCLCDRRATCFSTASDTYACWHHSIGFDYVYNP
FMIDVQQWGFTGNLQSNHDLYCQVHGNAHVASCDAIMTRCLAVHECFVKRVDWTIEYPIIGDELKINAACRKVQHMVVKA
ALLADKFPVLHDIGNPKAIKCVPQADVEWKFYDAQPCSDKAYKIEELFYSYATHSDKFTDGVCLFWNCNVDRYPANSIVC
RFDTRVLSNLNLPGCDGGSLYVNKHAFHTPAFDKSAFVNLKQLPFFYYSDSPCESHGKQVVSDIDYVPLKSATCITRCNL
GGAVCRHHANEYRLYLDAYNMMISAGFSLWVYKQFDTYNLWNTFTRLQ
;
_entity_poly.pdbx_strand_id   A,B
#
loop_
_chem_comp.id
_chem_comp.type
_chem_comp.name
_chem_comp.formula
A1JDF non-polymer ~{N}-[(1-cyclopropyl-6-fluoranyl-indazol-7-yl)methyl]-1,5-dimethyl-4-[(7-methyl-2~{H}-indazol-5-yl)sulfonyl]pyrrole-2-carboxamide 'C26 H25 F N6 O3 S'
CL non-polymer 'CHLORIDE ION' 'Cl -1'
EDO non-polymer 1,2-ETHANEDIOL 'C2 H6 O2'
IMD non-polymer IMIDAZOLE 'C3 H5 N2 1'
IPA non-polymer 'ISOPROPYL ALCOHOL' 'C3 H8 O'
SAH non-polymer S-ADENOSYL-L-HOMOCYSTEINE 'C14 H20 N6 O5 S'
SO4 non-polymer 'SULFATE ION' 'O4 S -2'
ZN non-polymer 'ZINC ION' 'Zn 2'
#
# COMPACT_ATOMS: atom_id res chain seq x y z
N THR A 26 1.07 30.46 24.11
CA THR A 26 1.61 30.69 22.73
C THR A 26 3.09 30.26 22.69
N HIS A 27 3.98 31.02 23.34
CA HIS A 27 5.46 30.86 23.26
C HIS A 27 5.99 30.15 24.52
N LEU A 28 7.15 29.48 24.38
CA LEU A 28 7.85 28.71 25.44
C LEU A 28 9.03 29.55 25.95
N SER A 29 8.92 30.09 27.17
CA SER A 29 9.97 30.89 27.84
C SER A 29 11.28 30.10 27.86
N VAL A 30 12.39 30.74 27.44
CA VAL A 30 13.75 30.14 27.40
C VAL A 30 14.22 29.75 28.81
N ASP A 31 13.64 30.38 29.85
CA ASP A 31 13.93 30.11 31.29
C ASP A 31 13.33 28.78 31.74
N THR A 32 12.36 28.22 31.01
CA THR A 32 11.74 26.89 31.29
C THR A 32 12.86 25.84 31.38
N LYS A 33 12.83 25.01 32.43
CA LYS A 33 13.87 23.98 32.72
C LYS A 33 13.83 22.94 31.59
N PHE A 34 14.99 22.35 31.25
CA PHE A 34 15.17 21.30 30.22
C PHE A 34 15.75 20.04 30.89
N LYS A 35 14.94 18.98 30.95
CA LYS A 35 15.29 17.67 31.57
C LYS A 35 16.44 17.03 30.78
N THR A 36 17.60 16.84 31.43
CA THR A 36 18.89 16.43 30.79
C THR A 36 19.06 14.90 30.85
N GLU A 37 18.16 14.18 31.54
CA GLU A 37 18.25 12.72 31.78
C GLU A 37 18.45 11.97 30.45
N GLY A 38 17.80 12.43 29.37
CA GLY A 38 17.83 11.80 28.04
C GLY A 38 19.09 12.13 27.24
N LEU A 39 19.83 13.19 27.61
CA LEU A 39 21.03 13.66 26.85
C LEU A 39 22.21 12.72 27.15
N CYS A 40 23.09 12.52 26.16
CA CYS A 40 24.15 11.47 26.11
C CYS A 40 25.39 11.96 26.87
N MET A 50 20.00 23.39 34.06
CA MET A 50 19.96 23.46 32.57
C MET A 50 18.60 24.02 32.12
N THR A 51 18.64 25.04 31.26
CA THR A 51 17.46 25.70 30.63
C THR A 51 17.62 25.67 29.11
N TYR A 52 16.63 26.19 28.37
CA TYR A 52 16.66 26.33 26.88
C TYR A 52 17.70 27.39 26.50
N ARG A 53 17.80 28.48 27.28
CA ARG A 53 18.81 29.57 27.11
C ARG A 53 20.23 28.97 27.11
N ARG A 54 20.55 28.15 28.13
CA ARG A 54 21.85 27.46 28.30
C ARG A 54 22.07 26.45 27.17
N LEU A 55 21.00 25.74 26.74
CA LEU A 55 21.05 24.72 25.66
C LEU A 55 21.36 25.41 24.30
N ILE A 56 20.75 26.57 24.03
CA ILE A 56 20.98 27.38 22.79
C ILE A 56 22.46 27.83 22.74
N SER A 57 23.06 28.16 23.90
CA SER A 57 24.48 28.54 24.03
C SER A 57 25.38 27.34 23.70
N MET A 58 25.09 26.17 24.30
CA MET A 58 25.83 24.88 24.08
C MET A 58 25.78 24.49 22.59
N MET A 59 24.66 24.71 21.91
CA MET A 59 24.44 24.35 20.48
C MET A 59 25.28 25.24 19.55
N GLY A 60 25.74 26.40 20.03
CA GLY A 60 26.72 27.26 19.36
C GLY A 60 26.05 28.40 18.59
N PHE A 61 25.00 28.99 19.18
CA PHE A 61 24.21 30.10 18.59
C PHE A 61 24.35 31.34 19.50
N LYS A 62 24.96 32.41 18.96
CA LYS A 62 24.99 33.76 19.58
C LYS A 62 23.56 34.33 19.58
N MET A 63 22.96 34.47 20.77
CA MET A 63 21.50 34.72 20.98
C MET A 63 21.14 36.20 20.71
N ASN A 64 22.12 37.10 20.50
CA ASN A 64 21.94 38.57 20.32
C ASN A 64 21.57 39.22 21.67
N TYR A 65 21.14 40.48 21.68
CA TYR A 65 20.70 41.24 22.88
C TYR A 65 19.19 41.02 23.07
N GLN A 66 18.42 41.26 22.01
CA GLN A 66 16.95 41.03 21.94
C GLN A 66 16.69 39.63 21.38
N GLY A 69 9.62 37.93 16.51
CA GLY A 69 8.70 36.80 16.67
C GLY A 69 9.44 35.46 16.71
N TYR A 70 10.56 35.41 17.43
CA TYR A 70 11.43 34.20 17.58
C TYR A 70 12.14 34.24 18.94
N PRO A 71 11.40 34.19 20.08
CA PRO A 71 12.03 34.19 21.41
C PRO A 71 12.75 32.88 21.77
N ASN A 72 12.42 31.77 21.09
CA ASN A 72 12.95 30.41 21.38
C ASN A 72 12.85 29.56 20.10
N MET A 73 13.89 28.76 19.82
CA MET A 73 13.91 27.73 18.74
C MET A 73 12.91 26.63 19.12
N PHE A 74 12.84 26.30 20.42
CA PHE A 74 11.96 25.24 20.99
C PHE A 74 10.58 25.83 21.25
N ILE A 75 9.54 25.04 20.97
CA ILE A 75 8.12 25.48 21.03
C ILE A 75 7.34 24.53 21.95
N THR A 76 6.19 24.99 22.43
CA THR A 76 5.25 24.20 23.26
C THR A 76 4.62 23.08 22.40
N ARG A 77 4.20 22.00 23.05
CA ARG A 77 3.37 20.90 22.48
C ARG A 77 2.20 21.51 21.69
N GLU A 78 1.50 22.50 22.26
CA GLU A 78 0.31 23.13 21.66
C GLU A 78 0.68 23.81 20.34
N GLU A 79 1.80 24.54 20.31
CA GLU A 79 2.32 25.22 19.10
C GLU A 79 2.74 24.18 18.06
N ALA A 80 3.39 23.09 18.49
CA ALA A 80 3.82 21.99 17.60
C ALA A 80 2.59 21.38 16.93
N ILE A 81 1.52 21.16 17.70
CA ILE A 81 0.24 20.55 17.20
C ILE A 81 -0.34 21.45 16.11
N ARG A 82 -0.31 22.78 16.29
CA ARG A 82 -0.83 23.77 15.31
C ARG A 82 -0.01 23.68 14.02
N HIS A 83 1.28 23.33 14.12
CA HIS A 83 2.21 23.28 12.96
C HIS A 83 2.62 21.84 12.64
N VAL A 84 1.69 20.89 12.76
CA VAL A 84 1.96 19.44 12.50
C VAL A 84 2.42 19.24 11.05
N ARG A 85 1.91 20.04 10.10
CA ARG A 85 2.34 19.96 8.67
C ARG A 85 3.85 20.27 8.54
N ALA A 86 4.46 20.98 9.49
CA ALA A 86 5.88 21.39 9.46
C ALA A 86 6.80 20.32 10.07
N TRP A 87 6.25 19.28 10.71
CA TRP A 87 7.04 18.27 11.48
C TRP A 87 7.96 17.49 10.53
N ILE A 88 9.28 17.55 10.80
CA ILE A 88 10.31 16.65 10.21
C ILE A 88 11.07 16.05 11.40
N GLY A 89 10.96 14.74 11.60
CA GLY A 89 11.83 14.01 12.52
C GLY A 89 13.29 14.21 12.13
N PHE A 90 14.16 14.41 13.11
CA PHE A 90 15.61 14.67 12.91
C PHE A 90 16.42 13.94 13.98
N ALA A 91 17.36 13.09 13.54
CA ALA A 91 18.33 12.39 14.41
C ALA A 91 19.71 12.36 13.75
N VAL A 92 20.77 12.11 14.53
CA VAL A 92 22.20 12.09 14.06
C VAL A 92 22.88 10.79 14.54
N ALA A 93 23.81 10.26 13.72
CA ALA A 93 24.67 9.07 13.97
C ALA A 93 23.89 7.78 13.69
N LEU A 108 29.49 12.40 11.13
CA LEU A 108 28.06 12.51 11.54
C LEU A 108 27.17 12.01 10.39
N GLN A 109 26.22 11.13 10.72
CA GLN A 109 25.15 10.65 9.80
C GLN A 109 23.83 11.33 10.20
N LEU A 110 23.36 12.30 9.40
CA LEU A 110 22.14 13.11 9.67
C LEU A 110 20.95 12.43 8.98
N GLY A 111 19.88 12.12 9.74
CA GLY A 111 18.69 11.38 9.30
C GLY A 111 17.41 12.19 9.49
N PHE A 112 16.50 12.10 8.52
CA PHE A 112 15.21 12.83 8.52
C PHE A 112 14.06 11.82 8.34
N SER A 113 12.88 12.18 8.86
CA SER A 113 11.65 11.35 8.80
C SER A 113 11.19 11.16 7.35
N THR A 114 11.75 11.92 6.39
CA THR A 114 11.55 11.72 4.92
C THR A 114 12.24 10.44 4.41
N GLY A 115 13.04 9.77 5.23
CA GLY A 115 13.80 8.56 4.88
C GLY A 115 15.21 8.89 4.38
N VAL A 116 15.55 10.18 4.23
CA VAL A 116 16.86 10.67 3.72
C VAL A 116 17.89 10.56 4.85
N ASN A 117 19.07 10.01 4.55
CA ASN A 117 20.28 10.03 5.41
C ASN A 117 21.42 10.70 4.62
N LEU A 118 22.12 11.63 5.27
CA LEU A 118 23.32 12.34 4.72
C LEU A 118 24.46 12.16 5.72
N VAL A 119 25.66 11.80 5.22
CA VAL A 119 26.91 11.62 6.01
C VAL A 119 27.82 12.84 5.74
N ALA A 120 28.25 13.53 6.80
CA ALA A 120 29.19 14.68 6.77
C ALA A 120 30.57 14.22 7.26
N VAL A 121 31.65 14.69 6.61
CA VAL A 121 33.07 14.27 6.84
C VAL A 121 33.50 14.65 8.26
N GLY A 157 31.32 9.66 3.12
CA GLY A 157 31.16 11.05 3.56
C GLY A 157 30.86 12.01 2.40
N LEU A 158 30.34 13.20 2.74
CA LEU A 158 30.14 14.35 1.82
C LEU A 158 30.61 15.62 2.51
N PRO A 159 31.09 16.66 1.78
CA PRO A 159 31.47 17.93 2.39
C PRO A 159 30.22 18.71 2.86
N TRP A 160 30.36 19.42 3.98
CA TRP A 160 29.25 20.13 4.68
C TRP A 160 28.51 21.07 3.72
N ASN A 161 29.23 21.76 2.83
CA ASN A 161 28.67 22.72 1.84
C ASN A 161 27.68 21.99 0.91
N VAL A 162 27.98 20.75 0.52
CA VAL A 162 27.07 19.90 -0.32
C VAL A 162 25.90 19.41 0.54
N VAL A 163 26.19 18.90 1.73
CA VAL A 163 25.19 18.35 2.71
C VAL A 163 24.14 19.42 2.99
N ARG A 164 24.56 20.63 3.36
CA ARG A 164 23.63 21.72 3.80
C ARG A 164 22.75 22.16 2.61
N ILE A 165 23.26 22.12 1.38
CA ILE A 165 22.48 22.35 0.12
C ILE A 165 21.39 21.26 -0.01
N LYS A 166 21.74 19.99 0.23
CA LYS A 166 20.81 18.84 0.09
C LYS A 166 19.69 18.95 1.15
N ILE A 167 20.03 19.33 2.38
CA ILE A 167 19.05 19.51 3.50
C ILE A 167 18.01 20.56 3.08
N VAL A 168 18.44 21.73 2.59
CA VAL A 168 17.54 22.85 2.22
C VAL A 168 16.67 22.42 1.02
N GLN A 169 17.25 21.70 0.06
CA GLN A 169 16.55 21.07 -1.11
C GLN A 169 15.41 20.17 -0.60
N MET A 170 15.75 19.20 0.24
CA MET A 170 14.83 18.16 0.78
C MET A 170 13.66 18.84 1.52
N LEU A 171 13.97 19.73 2.46
CA LEU A 171 12.97 20.45 3.31
C LEU A 171 12.08 21.31 2.42
N SER A 172 12.66 22.04 1.45
CA SER A 172 11.91 22.92 0.53
C SER A 172 10.91 22.09 -0.27
N ASP A 173 11.36 20.96 -0.85
CA ASP A 173 10.50 20.05 -1.66
C ASP A 173 9.40 19.45 -0.79
N THR A 174 9.71 19.00 0.43
CA THR A 174 8.77 18.36 1.37
C THR A 174 7.72 19.36 1.88
N LEU A 175 8.11 20.60 2.22
CA LEU A 175 7.28 21.51 3.05
C LEU A 175 6.67 22.66 2.24
N LYS A 176 7.11 22.93 1.01
CA LYS A 176 6.74 24.19 0.30
C LYS A 176 5.20 24.32 0.21
N ASN A 177 4.49 23.21 0.00
CA ASN A 177 3.01 23.20 -0.18
C ASN A 177 2.28 22.85 1.13
N LEU A 178 2.99 22.56 2.22
CA LEU A 178 2.42 22.13 3.52
C LEU A 178 2.44 23.26 4.56
N SER A 179 3.55 23.99 4.67
CA SER A 179 3.83 24.90 5.82
C SER A 179 4.72 26.09 5.42
N ASP A 180 4.66 27.14 6.24
CA ASP A 180 5.54 28.35 6.18
C ASP A 180 6.82 28.15 7.00
N ARG A 181 7.02 26.97 7.60
CA ARG A 181 8.13 26.71 8.56
C ARG A 181 8.50 25.23 8.54
N VAL A 182 9.49 24.89 9.35
CA VAL A 182 9.86 23.49 9.72
C VAL A 182 9.86 23.43 11.24
N VAL A 183 9.40 22.30 11.77
CA VAL A 183 9.50 21.92 13.20
C VAL A 183 10.31 20.62 13.22
N PHE A 184 11.57 20.68 13.63
CA PHE A 184 12.38 19.46 13.86
C PHE A 184 11.81 18.74 15.07
N VAL A 185 11.39 17.50 14.89
CA VAL A 185 10.90 16.64 16.02
C VAL A 185 12.09 15.80 16.50
N LEU A 186 12.49 15.99 17.77
CA LEU A 186 13.73 15.39 18.34
C LEU A 186 13.39 14.39 19.44
N TRP A 187 14.19 13.34 19.51
CA TRP A 187 14.48 12.51 20.71
C TRP A 187 15.92 12.81 21.11
N ALA A 188 16.13 13.86 21.91
CA ALA A 188 17.41 14.61 22.01
C ALA A 188 18.43 13.84 22.86
N HIS A 189 19.55 13.44 22.22
CA HIS A 189 20.76 12.82 22.83
C HIS A 189 21.92 13.85 22.90
N GLY A 190 21.72 15.09 22.41
CA GLY A 190 22.73 16.17 22.43
C GLY A 190 23.48 16.34 21.11
N PHE A 191 23.75 15.24 20.40
CA PHE A 191 24.57 15.23 19.15
C PHE A 191 23.83 15.96 18.03
N GLU A 192 22.53 15.67 17.86
CA GLU A 192 21.66 16.29 16.82
C GLU A 192 21.61 17.81 17.03
N LEU A 193 21.51 18.27 18.28
CA LEU A 193 21.46 19.72 18.62
C LEU A 193 22.81 20.39 18.31
N THR A 194 23.91 19.71 18.62
CA THR A 194 25.32 20.13 18.33
C THR A 194 25.48 20.34 16.82
N SER A 195 24.89 19.47 15.99
CA SER A 195 25.07 19.43 14.51
C SER A 195 24.33 20.57 13.80
N MET A 196 23.37 21.24 14.45
CA MET A 196 22.47 22.25 13.82
C MET A 196 23.28 23.49 13.37
N LYS A 197 24.28 23.92 14.16
CA LYS A 197 25.18 25.07 13.86
C LYS A 197 25.75 24.94 12.43
N TYR A 198 25.89 23.72 11.90
CA TYR A 198 26.49 23.42 10.57
C TYR A 198 25.52 23.69 9.41
N PHE A 199 24.19 23.66 9.61
CA PHE A 199 23.18 23.85 8.53
C PHE A 199 22.04 24.80 8.95
N VAL A 200 22.07 25.37 10.16
CA VAL A 200 21.00 26.28 10.69
C VAL A 200 21.59 27.67 10.96
N LYS A 201 20.85 28.73 10.62
CA LYS A 201 21.10 30.14 11.06
C LYS A 201 19.85 30.63 11.79
N ILE A 202 20.01 31.36 12.89
CA ILE A 202 18.89 32.00 13.63
C ILE A 202 19.05 33.52 13.58
N GLY A 203 18.00 34.24 14.01
CA GLY A 203 17.97 35.70 14.04
C GLY A 203 16.53 36.19 14.11
N PRO A 204 16.25 37.47 13.77
CA PRO A 204 14.89 37.96 13.77
C PRO A 204 14.11 37.33 12.61
N GLU A 205 12.78 37.34 12.70
CA GLU A 205 11.88 36.91 11.59
C GLU A 205 12.14 37.83 10.39
N ARG A 206 12.29 37.24 9.20
CA ARG A 206 12.55 37.94 7.92
C ARG A 206 11.55 37.47 6.86
N THR A 207 11.37 38.25 5.78
CA THR A 207 10.55 37.87 4.60
C THR A 207 11.47 37.41 3.46
N CYS A 208 10.93 36.62 2.54
CA CYS A 208 11.60 36.12 1.32
C CYS A 208 12.04 37.32 0.47
N CYS A 209 13.21 37.24 -0.17
CA CYS A 209 13.70 38.31 -1.09
C CYS A 209 12.77 38.39 -2.33
N LEU A 210 12.04 37.32 -2.68
CA LEU A 210 11.22 37.22 -3.92
C LEU A 210 9.70 37.26 -3.66
N CYS A 211 9.21 37.05 -2.43
CA CYS A 211 7.76 37.06 -2.13
C CYS A 211 7.48 37.58 -0.71
N ASP A 212 6.20 37.61 -0.30
CA ASP A 212 5.74 38.12 1.02
C ASP A 212 5.91 37.08 2.14
N ARG A 213 6.27 35.83 1.82
CA ARG A 213 6.26 34.72 2.80
C ARG A 213 7.41 34.90 3.81
N ARG A 214 7.26 34.38 5.02
CA ARG A 214 8.34 34.31 6.05
C ARG A 214 9.50 33.53 5.45
N ALA A 215 10.73 33.96 5.76
CA ALA A 215 11.99 33.33 5.31
C ALA A 215 12.23 32.05 6.10
N THR A 216 12.51 30.97 5.37
CA THR A 216 12.83 29.62 5.91
C THR A 216 14.29 29.24 5.57
N CYS A 217 14.93 29.97 4.66
CA CYS A 217 16.26 29.64 4.09
C CYS A 217 17.13 30.91 3.99
N PHE A 218 18.46 30.73 4.03
CA PHE A 218 19.48 31.79 3.88
C PHE A 218 20.58 31.31 2.91
N SER A 219 21.01 32.21 2.03
CA SER A 219 22.14 32.03 1.09
C SER A 219 23.32 32.87 1.60
N THR A 220 24.40 32.21 2.04
CA THR A 220 25.69 32.86 2.41
C THR A 220 26.28 33.57 1.18
N ALA A 221 26.13 32.98 -0.02
CA ALA A 221 26.72 33.44 -1.30
C ALA A 221 26.20 34.84 -1.66
N SER A 222 24.90 35.07 -1.51
CA SER A 222 24.20 36.32 -1.91
C SER A 222 23.76 37.13 -0.68
N ASP A 223 23.88 36.57 0.53
CA ASP A 223 23.44 37.20 1.81
C ASP A 223 21.95 37.59 1.68
N THR A 224 21.12 36.70 1.11
CA THR A 224 19.65 36.89 0.93
C THR A 224 18.87 35.77 1.64
N TYR A 225 17.57 36.02 1.85
CA TYR A 225 16.62 35.14 2.57
C TYR A 225 15.54 34.67 1.58
N ALA A 226 15.09 33.41 1.72
CA ALA A 226 14.06 32.80 0.85
C ALA A 226 13.04 32.01 1.68
N CYS A 227 11.79 31.95 1.20
CA CYS A 227 10.76 30.97 1.62
C CYS A 227 11.13 29.61 1.01
N TRP A 228 10.33 28.56 1.25
CA TRP A 228 10.58 27.19 0.71
C TRP A 228 10.45 27.17 -0.82
N HIS A 229 9.66 28.07 -1.40
CA HIS A 229 9.37 28.13 -2.86
C HIS A 229 10.56 28.73 -3.63
N HIS A 230 11.38 29.58 -2.99
CA HIS A 230 12.37 30.47 -3.65
C HIS A 230 13.77 30.20 -3.09
N SER A 231 14.05 28.98 -2.61
CA SER A 231 15.29 28.60 -1.89
C SER A 231 16.27 27.87 -2.81
N ILE A 232 16.02 27.80 -4.11
CA ILE A 232 16.91 27.09 -5.09
C ILE A 232 18.35 27.62 -4.89
N GLY A 233 19.26 26.72 -4.52
CA GLY A 233 20.70 27.03 -4.31
C GLY A 233 21.03 27.51 -2.90
N PHE A 234 20.04 27.76 -2.03
CA PHE A 234 20.27 28.27 -0.65
C PHE A 234 20.87 27.14 0.21
N ASP A 235 21.73 27.50 1.16
CA ASP A 235 22.64 26.54 1.86
C ASP A 235 22.29 26.44 3.35
N TYR A 236 21.54 27.39 3.94
CA TYR A 236 21.21 27.39 5.39
C TYR A 236 19.69 27.40 5.62
N VAL A 237 19.27 26.63 6.61
CA VAL A 237 17.88 26.62 7.17
C VAL A 237 17.79 27.81 8.13
N TYR A 238 16.87 28.75 7.89
CA TYR A 238 16.72 29.97 8.72
C TYR A 238 15.52 29.85 9.66
N ASN A 239 15.75 30.10 10.95
CA ASN A 239 14.73 30.14 12.04
C ASN A 239 13.86 28.88 11.97
N PRO A 240 14.47 27.67 12.01
CA PRO A 240 13.69 26.45 12.19
C PRO A 240 13.19 26.42 13.63
N PHE A 241 12.04 25.79 13.87
CA PHE A 241 11.52 25.50 15.23
C PHE A 241 11.83 24.03 15.52
N MET A 242 11.70 23.64 16.78
CA MET A 242 11.98 22.24 17.22
C MET A 242 11.27 21.93 18.53
N ILE A 243 11.11 20.63 18.78
CA ILE A 243 10.63 20.04 20.05
C ILE A 243 11.51 18.84 20.37
N ASP A 244 11.82 18.64 21.66
CA ASP A 244 12.37 17.36 22.19
C ASP A 244 11.19 16.60 22.81
N VAL A 245 10.81 15.47 22.20
CA VAL A 245 9.66 14.63 22.63
C VAL A 245 9.95 14.05 24.03
N GLN A 246 11.23 13.81 24.38
CA GLN A 246 11.67 13.35 25.74
C GLN A 246 11.18 14.30 26.84
N GLN A 247 11.01 15.59 26.54
CA GLN A 247 10.52 16.63 27.49
C GLN A 247 9.03 16.47 27.79
N TRP A 248 8.32 15.62 27.05
CA TRP A 248 6.90 15.24 27.30
C TRP A 248 6.82 14.10 28.33
N GLY A 249 7.96 13.61 28.83
CA GLY A 249 8.03 12.76 30.04
C GLY A 249 7.89 11.29 29.71
N PHE A 250 9.01 10.66 29.34
CA PHE A 250 9.10 9.23 28.95
C PHE A 250 10.17 8.54 29.81
N THR A 251 9.93 7.28 30.18
CA THR A 251 10.93 6.35 30.77
C THR A 251 11.42 5.43 29.65
N GLY A 252 12.69 5.02 29.70
CA GLY A 252 13.32 4.15 28.69
C GLY A 252 13.70 4.93 27.43
N ASN A 253 14.16 4.20 26.41
CA ASN A 253 14.69 4.77 25.14
C ASN A 253 13.52 5.04 24.16
N LEU A 254 13.86 5.58 22.98
CA LEU A 254 12.90 5.91 21.87
C LEU A 254 12.18 4.62 21.45
N GLN A 255 12.92 3.57 21.12
CA GLN A 255 12.39 2.32 20.52
C GLN A 255 11.35 1.68 21.46
N SER A 256 11.62 1.63 22.77
CA SER A 256 10.72 1.01 23.77
C SER A 256 9.37 1.74 23.78
N ASN A 257 9.37 3.07 23.64
CA ASN A 257 8.14 3.91 23.69
C ASN A 257 7.42 3.85 22.35
N HIS A 258 8.13 4.01 21.22
CA HIS A 258 7.56 3.93 19.85
C HIS A 258 6.83 2.61 19.65
N ASP A 259 7.49 1.49 19.96
CA ASP A 259 7.02 0.10 19.71
C ASP A 259 5.78 -0.24 20.55
N LEU A 260 5.46 0.54 21.60
CA LEU A 260 4.18 0.41 22.37
C LEU A 260 2.96 0.61 21.46
N TYR A 261 3.03 1.49 20.46
CA TYR A 261 1.86 1.98 19.68
C TYR A 261 1.95 1.66 18.18
N CYS A 262 3.04 1.03 17.73
CA CYS A 262 3.39 0.97 16.28
C CYS A 262 4.31 -0.22 16.01
N GLN A 263 3.97 -1.02 15.00
CA GLN A 263 4.71 -2.22 14.58
C GLN A 263 5.14 -2.09 13.10
N VAL A 264 5.13 -0.88 12.55
CA VAL A 264 5.40 -0.62 11.10
C VAL A 264 6.83 -0.10 10.90
N HIS A 265 7.41 0.61 11.89
CA HIS A 265 8.76 1.21 11.81
C HIS A 265 9.75 0.39 12.64
N GLY A 266 10.54 -0.47 11.97
CA GLY A 266 11.61 -1.28 12.59
C GLY A 266 12.84 -0.43 12.80
N ASN A 267 13.42 -0.48 14.01
CA ASN A 267 14.61 0.32 14.41
C ASN A 267 15.88 -0.42 13.97
N ALA A 268 16.43 -0.02 12.82
CA ALA A 268 17.82 -0.32 12.42
C ALA A 268 18.76 0.61 13.21
N HIS A 269 20.08 0.37 13.16
CA HIS A 269 21.11 1.29 13.71
C HIS A 269 21.35 2.41 12.69
N VAL A 270 20.31 3.19 12.38
CA VAL A 270 20.29 4.22 11.29
C VAL A 270 19.53 5.46 11.79
N ALA A 271 20.01 6.65 11.42
CA ALA A 271 19.57 7.96 11.95
C ALA A 271 18.11 8.24 11.52
N SER A 272 17.79 8.02 10.24
CA SER A 272 16.45 8.30 9.64
C SER A 272 15.38 7.41 10.28
N CYS A 273 15.73 6.20 10.73
CA CYS A 273 14.80 5.27 11.43
C CYS A 273 14.38 5.87 12.77
N ASP A 274 15.34 6.43 13.51
CA ASP A 274 15.09 7.20 14.77
C ASP A 274 14.26 8.46 14.45
N ALA A 275 14.58 9.17 13.36
CA ALA A 275 13.83 10.38 12.92
C ALA A 275 12.35 10.01 12.71
N ILE A 276 12.11 8.93 11.96
CA ILE A 276 10.75 8.38 11.63
C ILE A 276 10.03 8.00 12.93
N MET A 277 10.66 7.22 13.80
CA MET A 277 10.08 6.71 15.07
C MET A 277 9.71 7.87 15.99
N THR A 278 10.57 8.89 16.08
CA THR A 278 10.35 10.08 16.96
C THR A 278 9.13 10.85 16.50
N ARG A 279 9.03 11.13 15.20
CA ARG A 279 7.84 11.84 14.62
C ARG A 279 6.61 10.95 14.81
N CYS A 280 6.71 9.64 14.54
CA CYS A 280 5.59 8.66 14.71
C CYS A 280 5.07 8.73 16.14
N LEU A 281 5.98 8.63 17.12
CA LEU A 281 5.64 8.69 18.56
C LEU A 281 4.95 10.03 18.87
N ALA A 282 5.49 11.15 18.38
CA ALA A 282 4.92 12.51 18.57
C ALA A 282 3.50 12.57 18.01
N VAL A 283 3.27 11.99 16.83
CA VAL A 283 1.92 11.93 16.20
C VAL A 283 0.99 11.10 17.08
N HIS A 284 1.47 9.98 17.63
CA HIS A 284 0.65 9.13 18.54
C HIS A 284 0.19 9.98 19.73
N GLU A 285 1.13 10.61 20.42
CA GLU A 285 0.87 11.39 21.66
C GLU A 285 -0.09 12.56 21.40
N CYS A 286 -0.04 13.16 20.21
CA CYS A 286 -0.76 14.43 19.92
C CYS A 286 -2.10 14.21 19.21
N PHE A 287 -2.30 13.10 18.46
CA PHE A 287 -3.45 12.94 17.52
C PHE A 287 -4.23 11.63 17.65
N VAL A 288 -3.61 10.52 18.07
CA VAL A 288 -4.25 9.17 17.99
C VAL A 288 -5.44 9.10 18.95
N LYS A 289 -5.35 9.72 20.13
CA LYS A 289 -6.33 9.53 21.24
C LYS A 289 -7.70 10.11 20.88
N ARG A 290 -7.74 11.32 20.31
CA ARG A 290 -9.01 12.00 19.99
C ARG A 290 -8.78 13.13 19.00
N VAL A 291 -9.86 13.53 18.34
CA VAL A 291 -9.92 14.78 17.51
C VAL A 291 -9.97 15.97 18.47
N ASP A 292 -9.13 16.97 18.24
CA ASP A 292 -9.26 18.31 18.88
C ASP A 292 -10.03 19.21 17.90
N TRP A 293 -11.32 19.40 18.17
CA TRP A 293 -12.26 20.22 17.37
C TRP A 293 -11.95 21.71 17.47
N THR A 294 -11.14 22.14 18.46
CA THR A 294 -10.86 23.56 18.74
C THR A 294 -9.73 24.08 17.85
N ILE A 295 -8.91 23.17 17.29
CA ILE A 295 -7.77 23.53 16.39
C ILE A 295 -8.20 23.32 14.94
N GLU A 296 -8.16 24.40 14.15
CA GLU A 296 -8.35 24.41 12.68
C GLU A 296 -6.99 24.60 11.98
N TYR A 297 -6.87 24.07 10.77
CA TYR A 297 -5.67 24.17 9.92
C TYR A 297 -6.05 24.91 8.65
N PRO A 298 -5.18 25.79 8.10
CA PRO A 298 -5.52 26.56 6.92
C PRO A 298 -5.73 25.67 5.68
N ILE A 299 -6.51 26.20 4.74
CA ILE A 299 -6.74 25.60 3.39
C ILE A 299 -5.41 25.62 2.64
N ILE A 300 -4.96 24.46 2.14
CA ILE A 300 -3.70 24.34 1.33
C ILE A 300 -3.97 23.60 0.02
N GLY A 301 -5.19 23.15 -0.25
CA GLY A 301 -5.54 22.46 -1.51
C GLY A 301 -7.02 22.57 -1.80
N ASP A 302 -7.67 21.43 -2.10
CA ASP A 302 -9.09 21.34 -2.55
C ASP A 302 -10.03 21.00 -1.38
N GLU A 303 -9.66 21.29 -0.12
CA GLU A 303 -10.47 20.93 1.09
C GLU A 303 -11.94 21.30 0.86
N LEU A 304 -12.23 22.54 0.48
CA LEU A 304 -13.62 23.06 0.39
C LEU A 304 -14.44 22.21 -0.60
N LYS A 305 -13.92 22.00 -1.82
CA LYS A 305 -14.59 21.21 -2.89
C LYS A 305 -14.66 19.72 -2.50
N ILE A 306 -13.58 19.16 -1.95
CA ILE A 306 -13.56 17.75 -1.45
C ILE A 306 -14.70 17.58 -0.42
N ASN A 307 -14.77 18.48 0.56
CA ASN A 307 -15.72 18.40 1.70
C ASN A 307 -17.16 18.60 1.20
N ALA A 308 -17.39 19.56 0.29
CA ALA A 308 -18.73 19.81 -0.31
C ALA A 308 -19.19 18.54 -1.04
N ALA A 309 -18.30 17.92 -1.81
CA ALA A 309 -18.59 16.72 -2.62
C ALA A 309 -18.94 15.55 -1.71
N CYS A 310 -18.17 15.32 -0.65
CA CYS A 310 -18.38 14.22 0.32
C CYS A 310 -19.73 14.39 1.02
N ARG A 311 -20.14 15.62 1.37
CA ARG A 311 -21.42 15.87 2.07
C ARG A 311 -22.60 15.67 1.10
N LYS A 312 -22.45 16.03 -0.16
CA LYS A 312 -23.48 15.83 -1.23
C LYS A 312 -23.70 14.32 -1.40
N VAL A 313 -22.62 13.55 -1.46
CA VAL A 313 -22.65 12.06 -1.63
C VAL A 313 -23.25 11.42 -0.36
N GLN A 314 -22.86 11.91 0.82
CA GLN A 314 -23.37 11.40 2.11
C GLN A 314 -24.90 11.53 2.14
N HIS A 315 -25.44 12.70 1.78
CA HIS A 315 -26.89 12.98 1.78
C HIS A 315 -27.59 12.00 0.81
N MET A 316 -27.08 11.92 -0.42
CA MET A 316 -27.65 11.05 -1.48
C MET A 316 -27.72 9.60 -0.99
N VAL A 317 -26.63 9.07 -0.47
CA VAL A 317 -26.46 7.63 -0.15
C VAL A 317 -27.34 7.27 1.05
N VAL A 318 -27.35 8.10 2.10
CA VAL A 318 -28.12 7.80 3.33
C VAL A 318 -29.61 8.00 3.03
N LYS A 319 -29.98 9.07 2.30
CA LYS A 319 -31.37 9.30 1.84
C LYS A 319 -31.85 8.07 1.06
N ALA A 320 -31.06 7.59 0.11
CA ALA A 320 -31.36 6.45 -0.79
C ALA A 320 -31.54 5.15 0.01
N ALA A 321 -30.67 4.88 0.99
CA ALA A 321 -30.74 3.63 1.79
C ALA A 321 -31.99 3.64 2.69
N LEU A 322 -32.38 4.80 3.22
CA LEU A 322 -33.59 4.92 4.08
C LEU A 322 -34.86 4.72 3.24
N LEU A 323 -34.92 5.32 2.04
CA LEU A 323 -36.04 5.15 1.07
C LEU A 323 -36.14 3.68 0.62
N ALA A 324 -35.02 3.03 0.33
CA ALA A 324 -34.95 1.70 -0.34
C ALA A 324 -35.31 0.58 0.63
N ASP A 325 -34.85 0.66 1.88
CA ASP A 325 -34.97 -0.44 2.88
C ASP A 325 -35.85 -0.01 4.08
N LYS A 326 -36.25 1.26 4.18
CA LYS A 326 -37.27 1.74 5.15
C LYS A 326 -36.85 1.37 6.58
N PHE A 327 -35.58 1.58 6.93
CA PHE A 327 -35.05 1.27 8.29
C PHE A 327 -35.75 2.18 9.29
N PRO A 328 -36.30 1.62 10.40
CA PRO A 328 -36.98 2.45 11.40
C PRO A 328 -36.01 3.26 12.26
N VAL A 329 -34.77 2.77 12.45
CA VAL A 329 -33.72 3.46 13.26
C VAL A 329 -32.40 3.53 12.47
N LEU A 330 -31.65 4.63 12.65
CA LEU A 330 -30.29 4.84 12.11
C LEU A 330 -29.33 5.08 13.28
N HIS A 331 -28.31 4.24 13.42
CA HIS A 331 -27.25 4.36 14.43
C HIS A 331 -26.05 5.10 13.82
N ASP A 332 -25.96 6.40 14.05
CA ASP A 332 -24.89 7.29 13.51
C ASP A 332 -23.71 7.19 14.49
N ILE A 333 -22.80 6.26 14.23
CA ILE A 333 -21.64 5.95 15.09
C ILE A 333 -20.45 6.76 14.60
N GLY A 334 -19.91 7.63 15.46
CA GLY A 334 -18.85 8.60 15.16
C GLY A 334 -19.41 9.95 14.76
N ASN A 335 -20.49 10.38 15.39
CA ASN A 335 -21.11 11.71 15.17
C ASN A 335 -21.08 12.47 16.48
N PRO A 336 -20.03 13.29 16.74
CA PRO A 336 -19.90 14.04 17.99
C PRO A 336 -20.62 15.38 18.07
N LYS A 337 -21.38 15.79 17.04
CA LYS A 337 -22.10 17.08 16.98
C LYS A 337 -23.61 16.90 16.86
N ALA A 338 -24.12 15.67 16.75
CA ALA A 338 -25.56 15.35 16.64
C ALA A 338 -26.22 16.11 15.48
N ILE A 339 -25.55 16.17 14.33
CA ILE A 339 -26.07 16.76 13.06
C ILE A 339 -26.41 15.60 12.14
N LYS A 340 -27.67 15.51 11.71
CA LYS A 340 -28.19 14.54 10.73
C LYS A 340 -27.78 15.01 9.32
N CYS A 341 -27.31 14.12 8.45
CA CYS A 341 -27.03 14.43 7.01
C CYS A 341 -28.31 14.47 6.20
N VAL A 342 -29.40 13.87 6.70
CA VAL A 342 -30.77 13.92 6.10
C VAL A 342 -31.74 14.37 7.20
N PRO A 343 -31.83 15.67 7.52
CA PRO A 343 -32.67 16.14 8.63
C PRO A 343 -34.19 15.97 8.42
N GLN A 344 -34.65 15.88 7.18
CA GLN A 344 -36.07 15.68 6.82
C GLN A 344 -36.43 14.18 6.75
N ALA A 345 -35.56 13.28 7.22
CA ALA A 345 -35.72 11.82 7.11
C ALA A 345 -36.72 11.32 8.16
N ASP A 346 -37.67 10.50 7.73
CA ASP A 346 -38.64 9.81 8.62
C ASP A 346 -37.94 8.56 9.20
N VAL A 347 -37.11 8.76 10.22
CA VAL A 347 -36.36 7.66 10.92
C VAL A 347 -36.02 8.16 12.32
N GLU A 348 -35.88 7.24 13.28
CA GLU A 348 -35.28 7.57 14.60
C GLU A 348 -33.76 7.61 14.41
N TRP A 349 -33.17 8.79 14.56
CA TRP A 349 -31.72 9.05 14.36
C TRP A 349 -31.03 9.02 15.74
N LYS A 350 -30.20 8.01 15.99
CA LYS A 350 -29.44 7.88 17.26
C LYS A 350 -27.97 8.20 16.96
N PHE A 351 -27.34 8.94 17.87
CA PHE A 351 -25.94 9.45 17.75
C PHE A 351 -25.09 8.73 18.80
N TYR A 352 -23.89 8.30 18.40
CA TYR A 352 -22.85 7.73 19.30
C TYR A 352 -21.51 8.33 18.90
N ASP A 353 -20.61 8.49 19.88
CA ASP A 353 -19.21 8.88 19.63
C ASP A 353 -18.36 8.49 20.85
N ALA A 354 -17.10 8.16 20.63
CA ALA A 354 -16.07 7.95 21.67
C ALA A 354 -15.87 9.23 22.48
N GLN A 355 -16.02 10.40 21.86
CA GLN A 355 -15.72 11.74 22.43
C GLN A 355 -16.80 12.72 21.97
N PRO A 356 -18.03 12.68 22.53
CA PRO A 356 -19.07 13.63 22.13
C PRO A 356 -18.68 15.07 22.49
N CYS A 357 -19.03 16.04 21.64
CA CYS A 357 -18.91 17.47 21.98
C CYS A 357 -19.86 17.74 23.14
N SER A 358 -19.37 18.36 24.22
CA SER A 358 -20.08 18.51 25.52
C SER A 358 -21.36 19.33 25.36
N ASP A 359 -21.40 20.27 24.41
CA ASP A 359 -22.60 21.11 24.14
C ASP A 359 -23.72 20.31 23.49
N LYS A 360 -23.43 19.10 22.95
CA LYS A 360 -24.43 18.19 22.33
C LYS A 360 -24.43 16.82 23.00
N ALA A 361 -23.65 16.62 24.07
CA ALA A 361 -23.46 15.33 24.76
C ALA A 361 -24.82 14.75 25.22
N TYR A 362 -25.83 15.59 25.47
CA TYR A 362 -27.21 15.19 25.87
C TYR A 362 -27.88 14.35 24.76
N LYS A 363 -27.54 14.56 23.48
CA LYS A 363 -28.12 13.83 22.31
C LYS A 363 -27.24 12.64 21.88
N ILE A 364 -26.06 12.47 22.46
CA ILE A 364 -25.01 11.53 21.95
C ILE A 364 -24.58 10.61 23.08
N GLU A 365 -24.66 9.29 22.85
CA GLU A 365 -24.16 8.26 23.78
C GLU A 365 -22.65 8.12 23.61
N GLU A 366 -21.89 8.26 24.69
CA GLU A 366 -20.46 7.90 24.74
C GLU A 366 -20.31 6.39 24.51
N LEU A 367 -19.61 6.01 23.44
CA LEU A 367 -19.44 4.59 23.03
C LEU A 367 -18.18 4.46 22.18
N PHE A 368 -17.31 3.52 22.52
CA PHE A 368 -16.16 3.10 21.68
C PHE A 368 -16.56 1.80 20.98
N TYR A 369 -16.87 1.89 19.68
CA TYR A 369 -17.25 0.71 18.87
C TYR A 369 -16.01 -0.12 18.58
N SER A 370 -16.09 -1.40 18.93
CA SER A 370 -15.25 -2.50 18.41
C SER A 370 -16.19 -3.64 18.05
N TYR A 371 -15.87 -4.39 16.99
CA TYR A 371 -16.72 -5.52 16.53
C TYR A 371 -16.77 -6.58 17.64
N ALA A 372 -15.63 -6.86 18.30
CA ALA A 372 -15.52 -7.89 19.37
C ALA A 372 -16.47 -7.54 20.54
N THR A 373 -16.65 -6.25 20.84
CA THR A 373 -17.46 -5.78 21.99
C THR A 373 -18.89 -5.38 21.58
N HIS A 374 -19.22 -5.21 20.28
CA HIS A 374 -20.54 -4.67 19.87
C HIS A 374 -21.18 -5.41 18.69
N SER A 375 -20.66 -6.57 18.24
CA SER A 375 -21.17 -7.31 17.05
C SER A 375 -22.63 -7.75 17.23
N ASP A 376 -23.10 -7.97 18.47
CA ASP A 376 -24.49 -8.43 18.76
C ASP A 376 -25.37 -7.24 19.13
N LYS A 377 -24.86 -6.00 19.09
CA LYS A 377 -25.65 -4.75 19.28
C LYS A 377 -25.96 -4.11 17.91
N PHE A 378 -26.80 -3.08 17.91
CA PHE A 378 -27.24 -2.31 16.71
C PHE A 378 -27.78 -3.27 15.63
N THR A 379 -28.52 -4.31 16.04
CA THR A 379 -29.08 -5.36 15.15
C THR A 379 -30.31 -4.82 14.43
N ASP A 380 -30.97 -3.80 15.00
CA ASP A 380 -32.15 -3.12 14.40
C ASP A 380 -31.68 -1.97 13.49
N GLY A 381 -32.48 -1.67 12.46
CA GLY A 381 -32.20 -0.60 11.48
C GLY A 381 -30.81 -0.73 10.84
N VAL A 382 -30.15 0.40 10.60
CA VAL A 382 -28.85 0.48 9.87
C VAL A 382 -27.88 1.35 10.68
N CYS A 383 -26.60 1.00 10.69
CA CYS A 383 -25.49 1.80 11.26
C CYS A 383 -24.86 2.68 10.17
N LEU A 384 -24.61 3.95 10.49
CA LEU A 384 -23.83 4.89 9.65
C LEU A 384 -22.48 5.09 10.32
N PHE A 385 -21.40 4.69 9.61
CA PHE A 385 -19.99 4.97 9.96
C PHE A 385 -19.40 5.91 8.91
N TRP A 386 -19.68 7.21 9.02
CA TRP A 386 -19.14 8.21 8.07
C TRP A 386 -17.77 8.67 8.55
N ASN A 387 -16.72 7.97 8.08
CA ASN A 387 -15.31 8.18 8.48
C ASN A 387 -15.18 7.95 9.99
N CYS A 388 -15.86 6.92 10.48
CA CYS A 388 -15.67 6.36 11.84
C CYS A 388 -14.99 5.01 11.67
N ASN A 389 -13.67 5.00 11.83
CA ASN A 389 -12.78 3.97 11.25
C ASN A 389 -12.56 2.89 12.31
N VAL A 390 -13.54 2.02 12.49
CA VAL A 390 -13.54 0.90 13.48
C VAL A 390 -12.81 -0.30 12.88
N ASP A 391 -12.48 -1.29 13.73
CA ASP A 391 -11.72 -2.51 13.34
C ASP A 391 -12.52 -3.34 12.33
N ARG A 392 -13.82 -3.51 12.55
CA ARG A 392 -14.70 -4.21 11.58
C ARG A 392 -16.13 -3.69 11.67
N TYR A 393 -16.76 -3.46 10.53
CA TYR A 393 -18.15 -2.97 10.43
C TYR A 393 -19.10 -4.15 10.49
N PRO A 394 -20.24 -4.01 11.19
CA PRO A 394 -21.28 -5.05 11.16
C PRO A 394 -21.99 -5.02 9.79
N ALA A 395 -22.71 -6.11 9.51
CA ALA A 395 -23.43 -6.37 8.24
C ALA A 395 -24.42 -5.24 7.90
N ASN A 396 -25.04 -4.59 8.88
CA ASN A 396 -26.11 -3.58 8.65
C ASN A 396 -25.52 -2.16 8.65
N SER A 397 -24.56 -1.88 7.75
CA SER A 397 -23.75 -0.63 7.77
C SER A 397 -23.80 0.11 6.43
N ILE A 398 -23.73 1.44 6.52
CA ILE A 398 -23.32 2.37 5.44
C ILE A 398 -22.01 3.00 5.90
N VAL A 399 -20.96 2.92 5.09
CA VAL A 399 -19.57 3.29 5.50
C VAL A 399 -18.94 4.17 4.44
N CYS A 400 -18.31 5.24 4.89
CA CYS A 400 -17.27 5.99 4.16
C CYS A 400 -15.96 5.77 4.92
N ARG A 401 -14.92 5.37 4.19
CA ARG A 401 -13.57 5.18 4.74
C ARG A 401 -12.52 5.75 3.79
N PHE A 402 -11.60 6.53 4.36
CA PHE A 402 -10.43 7.11 3.67
C PHE A 402 -9.33 6.05 3.55
N ASP A 403 -8.81 5.91 2.33
CA ASP A 403 -7.61 5.08 2.04
C ASP A 403 -6.37 5.89 2.39
N THR A 404 -5.71 5.51 3.49
CA THR A 404 -4.50 6.13 4.08
C THR A 404 -3.31 6.07 3.12
N ARG A 405 -3.34 5.21 2.11
CA ARG A 405 -2.25 5.09 1.11
C ARG A 405 -2.30 6.22 0.07
N VAL A 406 -3.40 6.97 -0.02
CA VAL A 406 -3.57 8.04 -1.05
C VAL A 406 -2.55 9.15 -0.79
N LEU A 407 -1.77 9.52 -1.81
CA LEU A 407 -0.77 10.61 -1.74
C LEU A 407 -1.50 11.94 -1.93
N SER A 408 -1.29 12.86 -0.99
CA SER A 408 -1.99 14.16 -0.94
C SER A 408 -1.22 15.07 0.01
N ASN A 409 -1.23 16.38 -0.25
CA ASN A 409 -0.73 17.41 0.69
C ASN A 409 -1.60 17.42 1.96
N LEU A 410 -2.85 16.94 1.90
CA LEU A 410 -3.72 16.79 3.11
C LEU A 410 -3.27 15.60 3.97
N ASN A 411 -2.64 14.58 3.38
CA ASN A 411 -2.43 13.26 4.02
C ASN A 411 -0.96 13.10 4.42
N LEU A 412 -0.66 13.20 5.72
CA LEU A 412 0.68 13.14 6.33
C LEU A 412 0.93 11.72 6.84
N PRO A 413 2.21 11.26 6.85
CA PRO A 413 2.53 9.95 7.44
C PRO A 413 2.08 9.89 8.91
N GLY A 414 1.48 8.78 9.33
CA GLY A 414 0.94 8.62 10.69
C GLY A 414 1.60 7.48 11.46
N CYS A 415 0.90 6.99 12.47
CA CYS A 415 1.35 5.96 13.44
C CYS A 415 0.77 4.59 13.02
N ASP A 416 1.62 3.56 12.92
CA ASP A 416 1.23 2.11 12.86
C ASP A 416 0.59 1.80 11.50
N GLY A 417 1.14 2.36 10.42
CA GLY A 417 0.60 2.24 9.05
C GLY A 417 -0.57 3.20 8.79
N GLY A 418 -1.07 3.88 9.83
CA GLY A 418 -2.12 4.91 9.69
C GLY A 418 -1.56 6.20 9.10
N SER A 419 -2.43 7.17 8.81
CA SER A 419 -2.03 8.51 8.30
C SER A 419 -2.73 9.59 9.13
N LEU A 420 -2.16 10.78 9.17
CA LEU A 420 -2.78 11.96 9.79
C LEU A 420 -3.37 12.83 8.66
N TYR A 421 -4.69 12.79 8.51
CA TYR A 421 -5.42 13.51 7.45
C TYR A 421 -5.79 14.88 8.00
N VAL A 422 -5.05 15.92 7.58
CA VAL A 422 -5.28 17.31 8.05
C VAL A 422 -6.07 18.04 6.95
N ASN A 423 -7.37 18.11 7.16
CA ASN A 423 -8.33 18.83 6.30
C ASN A 423 -9.27 19.54 7.26
N LYS A 424 -9.07 20.85 7.46
CA LYS A 424 -9.75 21.70 8.48
C LYS A 424 -9.29 21.29 9.89
N HIS A 425 -9.49 20.03 10.29
CA HIS A 425 -8.97 19.46 11.56
C HIS A 425 -8.01 18.33 11.23
N ALA A 426 -7.28 17.84 12.22
CA ALA A 426 -6.30 16.74 12.10
C ALA A 426 -6.96 15.43 12.53
N PHE A 427 -7.17 14.53 11.58
CA PHE A 427 -7.87 13.23 11.79
C PHE A 427 -6.87 12.08 11.63
N HIS A 428 -6.38 11.52 12.73
CA HIS A 428 -5.56 10.29 12.66
C HIS A 428 -6.48 9.16 12.24
N THR A 429 -6.07 8.41 11.21
CA THR A 429 -6.82 7.32 10.54
C THR A 429 -5.98 6.06 10.62
N PRO A 430 -6.51 4.92 11.14
CA PRO A 430 -5.75 3.68 11.10
C PRO A 430 -5.63 3.21 9.64
N ALA A 431 -4.59 2.41 9.37
CA ALA A 431 -4.31 1.80 8.06
C ALA A 431 -5.60 1.25 7.45
N PHE A 432 -5.83 1.57 6.18
CA PHE A 432 -6.85 0.94 5.31
C PHE A 432 -6.58 -0.57 5.32
N ASP A 433 -7.56 -1.38 5.73
CA ASP A 433 -7.46 -2.84 5.89
C ASP A 433 -8.75 -3.46 5.36
N LYS A 434 -8.64 -4.28 4.31
CA LYS A 434 -9.78 -4.90 3.57
C LYS A 434 -10.62 -5.78 4.51
N SER A 435 -10.03 -6.37 5.54
CA SER A 435 -10.70 -7.28 6.50
C SER A 435 -11.77 -6.54 7.32
N ALA A 436 -11.70 -5.21 7.41
CA ALA A 436 -12.74 -4.36 8.04
C ALA A 436 -14.07 -4.47 7.27
N PHE A 437 -14.05 -4.73 5.97
CA PHE A 437 -15.24 -4.64 5.07
C PHE A 437 -15.81 -6.02 4.74
N VAL A 438 -15.42 -7.06 5.48
CA VAL A 438 -15.74 -8.50 5.17
C VAL A 438 -17.26 -8.73 5.15
N ASN A 439 -18.03 -8.00 5.96
CA ASN A 439 -19.52 -8.12 6.07
C ASN A 439 -20.25 -7.23 5.05
N LEU A 440 -19.52 -6.48 4.20
CA LEU A 440 -20.12 -5.44 3.32
C LEU A 440 -19.71 -5.67 1.88
N LYS A 441 -20.32 -4.92 0.96
CA LYS A 441 -19.94 -4.85 -0.47
C LYS A 441 -19.66 -3.39 -0.84
N GLN A 442 -18.96 -3.18 -1.95
CA GLN A 442 -18.76 -1.81 -2.48
C GLN A 442 -20.13 -1.22 -2.84
N LEU A 443 -20.38 0.04 -2.50
CA LEU A 443 -21.59 0.78 -2.91
C LEU A 443 -21.42 1.18 -4.37
N PRO A 444 -22.26 0.69 -5.31
CA PRO A 444 -22.17 1.14 -6.71
C PRO A 444 -22.66 2.59 -6.84
N PHE A 445 -22.12 3.29 -7.83
CA PHE A 445 -22.59 4.63 -8.25
C PHE A 445 -24.05 4.55 -8.68
N PHE A 446 -24.83 5.56 -8.29
CA PHE A 446 -26.18 5.88 -8.81
C PHE A 446 -26.47 7.32 -8.44
N TYR A 447 -27.37 7.95 -9.18
CA TYR A 447 -28.04 9.22 -8.84
C TYR A 447 -29.53 8.93 -8.64
N TYR A 448 -30.09 9.30 -7.49
CA TYR A 448 -31.55 9.23 -7.19
C TYR A 448 -32.08 10.64 -6.95
N SER A 449 -33.21 10.98 -7.56
CA SER A 449 -34.00 12.20 -7.27
C SER A 449 -35.49 11.88 -7.36
N ASP A 450 -36.23 12.21 -6.29
CA ASP A 450 -37.72 12.20 -6.23
C ASP A 450 -38.26 13.62 -6.48
N SER A 451 -37.38 14.61 -6.66
CA SER A 451 -37.71 16.04 -6.91
C SER A 451 -38.51 16.15 -8.21
N PRO A 452 -39.24 17.26 -8.43
CA PRO A 452 -40.00 17.44 -9.67
C PRO A 452 -39.09 17.59 -10.90
N CYS A 453 -39.56 17.10 -12.05
CA CYS A 453 -38.91 17.24 -13.38
C CYS A 453 -39.14 18.67 -13.91
N GLU A 454 -38.44 19.07 -14.99
CA GLU A 454 -38.62 20.39 -15.67
C GLU A 454 -37.55 20.63 -16.73
N SER A 455 -37.94 21.27 -17.85
CA SER A 455 -37.04 21.69 -18.97
C SER A 455 -37.62 22.95 -19.63
N VAL A 467 -27.32 16.77 -25.91
CA VAL A 467 -26.58 15.51 -25.60
C VAL A 467 -27.40 14.67 -24.62
N PRO A 468 -28.30 13.76 -25.09
CA PRO A 468 -29.25 13.09 -24.19
C PRO A 468 -28.57 12.08 -23.25
N LEU A 469 -29.07 11.97 -22.02
CA LEU A 469 -28.54 11.07 -20.95
C LEU A 469 -29.25 9.72 -21.06
N LYS A 470 -28.52 8.69 -21.49
CA LYS A 470 -28.92 7.26 -21.48
C LYS A 470 -28.04 6.54 -20.45
N SER A 471 -28.53 6.40 -19.22
CA SER A 471 -27.79 5.75 -18.11
C SER A 471 -28.74 4.96 -17.20
N ALA A 472 -28.37 3.70 -16.92
CA ALA A 472 -29.08 2.82 -15.97
C ALA A 472 -28.89 3.31 -14.51
N THR A 473 -27.96 4.23 -14.26
CA THR A 473 -27.59 4.75 -12.93
C THR A 473 -28.31 6.07 -12.62
N CYS A 474 -29.12 6.60 -13.54
CA CYS A 474 -29.96 7.82 -13.33
C CYS A 474 -31.37 7.39 -12.90
N ILE A 475 -31.60 7.29 -11.59
CA ILE A 475 -32.88 6.79 -10.99
C ILE A 475 -33.78 8.00 -10.76
N THR A 476 -34.48 8.43 -11.81
CA THR A 476 -35.47 9.55 -11.82
C THR A 476 -36.74 9.10 -12.55
N ARG A 477 -37.87 9.80 -12.32
CA ARG A 477 -39.19 9.51 -12.95
C ARG A 477 -39.07 9.61 -14.48
N CYS A 478 -38.32 10.60 -14.98
CA CYS A 478 -38.17 10.87 -16.43
C CYS A 478 -37.35 9.78 -17.12
N ASN A 479 -36.37 9.18 -16.45
CA ASN A 479 -35.57 8.05 -17.01
C ASN A 479 -36.45 6.79 -17.09
N LEU A 480 -37.40 6.65 -16.17
CA LEU A 480 -38.44 5.57 -16.18
C LEU A 480 -39.23 5.69 -17.50
N GLY A 481 -39.60 6.92 -17.88
CA GLY A 481 -40.09 7.26 -19.24
C GLY A 481 -38.97 7.18 -20.26
N GLY A 482 -39.15 7.82 -21.42
CA GLY A 482 -38.14 7.87 -22.50
C GLY A 482 -36.95 8.74 -22.09
N ALA A 483 -37.04 10.05 -22.34
CA ALA A 483 -35.97 11.06 -22.14
C ALA A 483 -35.90 11.51 -20.69
N VAL A 484 -34.69 11.80 -20.21
CA VAL A 484 -34.40 12.46 -18.89
C VAL A 484 -34.57 13.98 -19.06
N CYS A 485 -35.19 14.66 -18.10
CA CYS A 485 -35.42 16.14 -18.14
C CYS A 485 -34.09 16.89 -17.96
N ARG A 486 -34.03 18.14 -18.42
CA ARG A 486 -32.80 18.99 -18.44
C ARG A 486 -32.30 19.24 -17.00
N HIS A 487 -33.21 19.39 -16.03
CA HIS A 487 -32.91 19.52 -14.58
C HIS A 487 -32.13 18.29 -14.08
N HIS A 488 -32.72 17.10 -14.23
CA HIS A 488 -32.21 15.83 -13.66
C HIS A 488 -30.91 15.40 -14.38
N ALA A 489 -30.80 15.65 -15.68
CA ALA A 489 -29.57 15.39 -16.48
C ALA A 489 -28.42 16.28 -15.98
N ASN A 490 -28.73 17.53 -15.63
CA ASN A 490 -27.75 18.52 -15.12
C ASN A 490 -27.31 18.10 -13.71
N GLU A 491 -28.28 17.79 -12.84
CA GLU A 491 -28.04 17.34 -11.45
C GLU A 491 -27.26 16.02 -11.44
N TYR A 492 -27.57 15.09 -12.35
CA TYR A 492 -26.82 13.83 -12.57
C TYR A 492 -25.34 14.12 -12.80
N ARG A 493 -25.03 15.02 -13.72
CA ARG A 493 -23.65 15.35 -14.11
C ARG A 493 -22.93 16.06 -12.95
N LEU A 494 -23.62 16.92 -12.21
CA LEU A 494 -23.05 17.59 -11.01
C LEU A 494 -22.78 16.54 -9.92
N TYR A 495 -23.67 15.55 -9.77
CA TYR A 495 -23.52 14.47 -8.76
C TYR A 495 -22.34 13.56 -9.13
N LEU A 496 -22.26 13.14 -10.39
CA LEU A 496 -21.14 12.31 -10.94
C LEU A 496 -19.81 13.01 -10.68
N ASP A 497 -19.73 14.32 -10.93
CA ASP A 497 -18.53 15.14 -10.68
C ASP A 497 -18.13 15.07 -9.20
N ALA A 498 -19.10 15.22 -8.29
CA ALA A 498 -18.87 15.17 -6.82
C ALA A 498 -18.38 13.78 -6.41
N TYR A 499 -19.03 12.72 -6.92
CA TYR A 499 -18.64 11.31 -6.70
C TYR A 499 -17.19 11.09 -7.15
N ASN A 500 -16.84 11.49 -8.37
CA ASN A 500 -15.46 11.35 -8.93
C ASN A 500 -14.46 12.13 -8.07
N MET A 501 -14.81 13.34 -7.63
CA MET A 501 -13.98 14.18 -6.73
C MET A 501 -13.70 13.41 -5.42
N MET A 502 -14.73 12.81 -4.85
CA MET A 502 -14.67 12.07 -3.56
C MET A 502 -13.77 10.84 -3.71
N ILE A 503 -13.95 10.06 -4.78
CA ILE A 503 -13.11 8.85 -5.06
C ILE A 503 -11.64 9.27 -5.23
N SER A 504 -11.37 10.26 -6.07
CA SER A 504 -10.00 10.77 -6.35
C SER A 504 -9.38 11.39 -5.09
N ALA A 505 -10.20 11.87 -4.15
CA ALA A 505 -9.74 12.40 -2.84
C ALA A 505 -9.35 11.26 -1.87
N GLY A 506 -9.66 9.99 -2.19
CA GLY A 506 -9.21 8.80 -1.43
C GLY A 506 -10.29 8.13 -0.60
N PHE A 507 -11.56 8.52 -0.75
CA PHE A 507 -12.68 7.96 0.03
C PHE A 507 -13.35 6.82 -0.75
N SER A 508 -13.72 5.75 -0.05
CA SER A 508 -14.48 4.60 -0.58
C SER A 508 -15.75 4.41 0.23
N LEU A 509 -16.77 3.84 -0.43
CA LEU A 509 -18.14 3.66 0.09
C LEU A 509 -18.50 2.19 0.08
N TRP A 510 -19.01 1.71 1.21
CA TRP A 510 -19.38 0.30 1.47
C TRP A 510 -20.81 0.29 2.03
N VAL A 511 -21.53 -0.79 1.75
CA VAL A 511 -22.98 -0.89 2.11
C VAL A 511 -23.33 -2.34 2.43
N TYR A 512 -24.33 -2.52 3.29
CA TYR A 512 -24.99 -3.82 3.58
C TYR A 512 -25.26 -4.54 2.26
N LYS A 513 -25.00 -5.85 2.22
CA LYS A 513 -25.01 -6.68 0.98
C LYS A 513 -26.40 -6.69 0.30
N GLN A 514 -27.47 -6.43 1.04
CA GLN A 514 -28.87 -6.49 0.52
C GLN A 514 -29.21 -5.16 -0.17
N PHE A 515 -28.37 -4.12 -0.05
CA PHE A 515 -28.59 -2.83 -0.75
C PHE A 515 -28.69 -3.09 -2.27
N ASP A 516 -29.69 -2.51 -2.92
CA ASP A 516 -29.93 -2.62 -4.38
C ASP A 516 -30.81 -1.44 -4.81
N THR A 517 -30.56 -0.90 -6.00
CA THR A 517 -31.30 0.24 -6.59
C THR A 517 -32.66 -0.21 -7.15
N TYR A 518 -32.90 -1.52 -7.27
CA TYR A 518 -34.24 -2.11 -7.56
C TYR A 518 -35.31 -1.42 -6.70
N ASN A 519 -35.07 -1.31 -5.40
CA ASN A 519 -36.04 -0.79 -4.40
C ASN A 519 -36.20 0.73 -4.52
N LEU A 520 -35.27 1.43 -5.17
CA LEU A 520 -35.37 2.90 -5.43
C LEU A 520 -36.26 3.14 -6.66
N TRP A 521 -36.20 2.25 -7.66
CA TRP A 521 -37.10 2.27 -8.84
C TRP A 521 -38.56 2.10 -8.38
N ASN A 522 -38.79 1.23 -7.38
CA ASN A 522 -40.11 0.93 -6.75
C ASN A 522 -40.75 2.21 -6.20
N THR A 523 -39.96 3.16 -5.68
CA THR A 523 -40.45 4.40 -5.02
C THR A 523 -41.22 5.30 -6.01
N PHE A 524 -41.15 5.04 -7.32
CA PHE A 524 -41.89 5.79 -8.38
C PHE A 524 -43.20 5.06 -8.69
N THR B 26 21.16 -32.59 -14.37
CA THR B 26 20.07 -32.06 -13.49
C THR B 26 20.65 -30.92 -12.61
N HIS B 27 21.50 -31.28 -11.64
CA HIS B 27 22.04 -30.40 -10.57
C HIS B 27 23.27 -29.60 -11.03
N LEU B 28 23.64 -28.55 -10.29
CA LEU B 28 24.95 -27.85 -10.42
C LEU B 28 26.05 -28.77 -9.89
N SER B 29 26.88 -29.31 -10.77
CA SER B 29 28.10 -30.11 -10.44
C SER B 29 28.96 -29.32 -9.46
N VAL B 30 29.36 -29.96 -8.35
CA VAL B 30 30.24 -29.37 -7.29
C VAL B 30 31.61 -29.00 -7.89
N ASP B 31 32.00 -29.61 -9.01
CA ASP B 31 33.29 -29.36 -9.72
C ASP B 31 33.19 -28.09 -10.58
N THR B 32 32.00 -27.51 -10.77
CA THR B 32 31.80 -26.20 -11.45
C THR B 32 32.70 -25.15 -10.77
N LYS B 33 33.41 -24.34 -11.57
CA LYS B 33 34.31 -23.24 -11.09
C LYS B 33 33.47 -22.24 -10.30
N PHE B 34 34.01 -21.73 -9.20
CA PHE B 34 33.42 -20.66 -8.36
C PHE B 34 34.33 -19.43 -8.42
N LYS B 35 33.86 -18.36 -9.07
CA LYS B 35 34.56 -17.06 -9.21
C LYS B 35 34.72 -16.45 -7.80
N THR B 36 35.97 -16.24 -7.37
CA THR B 36 36.36 -15.70 -6.03
C THR B 36 36.54 -14.17 -6.08
N GLU B 37 36.31 -13.54 -7.25
CA GLU B 37 36.45 -12.07 -7.49
C GLU B 37 35.69 -11.26 -6.43
N GLY B 38 34.52 -11.75 -5.98
CA GLY B 38 33.66 -11.06 -5.00
C GLY B 38 34.09 -11.23 -3.54
N LEU B 39 34.93 -12.22 -3.24
CA LEU B 39 35.19 -12.67 -1.84
C LEU B 39 36.19 -11.73 -1.13
N CYS B 40 36.13 -11.67 0.21
CA CYS B 40 37.00 -10.87 1.11
C CYS B 40 37.66 -11.77 2.16
N MET B 50 39.48 -22.64 -7.38
CA MET B 50 38.31 -22.69 -6.48
C MET B 50 37.10 -23.28 -7.23
N THR B 51 36.46 -24.29 -6.65
CA THR B 51 35.19 -24.92 -7.11
C THR B 51 34.16 -24.84 -5.97
N TYR B 52 32.93 -25.32 -6.20
CA TYR B 52 31.85 -25.42 -5.18
C TYR B 52 32.24 -26.49 -4.15
N ARG B 53 32.86 -27.60 -4.60
CA ARG B 53 33.38 -28.71 -3.75
C ARG B 53 34.34 -28.14 -2.68
N ARG B 54 35.34 -27.35 -3.11
CA ARG B 54 36.35 -26.71 -2.22
C ARG B 54 35.68 -25.67 -1.32
N LEU B 55 34.72 -24.90 -1.85
CA LEU B 55 34.02 -23.79 -1.12
C LEU B 55 33.18 -24.39 0.02
N ILE B 56 32.46 -25.49 -0.25
CA ILE B 56 31.59 -26.16 0.75
C ILE B 56 32.48 -26.80 1.84
N SER B 57 33.71 -27.25 1.50
CA SER B 57 34.72 -27.77 2.45
C SER B 57 35.17 -26.64 3.40
N MET B 58 35.51 -25.48 2.85
CA MET B 58 35.98 -24.30 3.61
C MET B 58 34.87 -23.78 4.53
N MET B 59 33.60 -23.90 4.10
CA MET B 59 32.40 -23.48 4.87
C MET B 59 32.15 -24.41 6.08
N GLY B 60 32.74 -25.61 6.08
CA GLY B 60 32.78 -26.53 7.24
C GLY B 60 31.77 -27.66 7.11
N PHE B 61 31.59 -28.22 5.91
CA PHE B 61 30.49 -29.15 5.54
C PHE B 61 31.03 -30.32 4.70
N LYS B 62 30.71 -31.55 5.12
CA LYS B 62 31.19 -32.80 4.48
C LYS B 62 30.11 -33.27 3.49
N MET B 63 30.34 -33.09 2.18
CA MET B 63 29.39 -33.43 1.08
C MET B 63 29.50 -34.93 0.77
N ASN B 64 28.92 -35.76 1.65
CA ASN B 64 28.89 -37.24 1.50
C ASN B 64 27.54 -37.68 0.93
N TYR B 65 26.69 -36.73 0.48
CA TYR B 65 25.23 -36.95 0.24
C TYR B 65 24.85 -36.73 -1.22
N GLN B 66 25.82 -36.84 -2.15
CA GLN B 66 25.60 -36.86 -3.63
C GLN B 66 24.57 -37.95 -3.98
N VAL B 67 24.68 -39.13 -3.35
CA VAL B 67 23.83 -40.33 -3.62
C VAL B 67 22.48 -40.23 -2.86
N ASN B 68 22.31 -39.26 -1.95
CA ASN B 68 21.19 -39.18 -0.97
C ASN B 68 20.29 -37.97 -1.25
N GLY B 69 20.22 -37.51 -2.50
CA GLY B 69 19.29 -36.45 -2.97
C GLY B 69 19.78 -35.03 -2.69
N TYR B 70 21.04 -34.84 -2.26
CA TYR B 70 21.62 -33.51 -1.90
C TYR B 70 23.02 -33.38 -2.50
N PRO B 71 23.14 -33.31 -3.84
CA PRO B 71 24.44 -33.31 -4.51
C PRO B 71 25.24 -32.00 -4.36
N ASN B 72 24.57 -30.88 -4.07
CA ASN B 72 25.20 -29.54 -3.94
C ASN B 72 24.28 -28.62 -3.12
N MET B 73 24.87 -27.83 -2.21
CA MET B 73 24.18 -26.76 -1.43
C MET B 73 23.76 -25.66 -2.40
N PHE B 74 24.60 -25.37 -3.41
CA PHE B 74 24.36 -24.34 -4.46
C PHE B 74 23.62 -25.00 -5.62
N ILE B 75 22.72 -24.22 -6.25
CA ILE B 75 21.80 -24.72 -7.32
C ILE B 75 21.97 -23.84 -8.55
N THR B 76 21.55 -24.37 -9.70
CA THR B 76 21.51 -23.64 -11.00
C THR B 76 20.44 -22.55 -10.91
N ARG B 77 20.59 -21.50 -11.70
CA ARG B 77 19.57 -20.44 -11.86
C ARG B 77 18.23 -21.07 -12.24
N GLU B 78 18.24 -22.08 -13.11
CA GLU B 78 17.02 -22.78 -13.60
C GLU B 78 16.29 -23.42 -12.43
N GLU B 79 17.02 -24.09 -11.53
CA GLU B 79 16.45 -24.73 -10.32
C GLU B 79 15.97 -23.63 -9.37
N ALA B 80 16.74 -22.55 -9.20
CA ALA B 80 16.39 -21.40 -8.35
C ALA B 80 15.07 -20.79 -8.85
N ILE B 81 14.91 -20.62 -10.16
CA ILE B 81 13.67 -20.03 -10.77
C ILE B 81 12.48 -20.93 -10.43
N ARG B 82 12.63 -22.25 -10.51
CA ARG B 82 11.57 -23.23 -10.15
C ARG B 82 11.18 -23.07 -8.68
N HIS B 83 12.11 -22.66 -7.82
CA HIS B 83 11.91 -22.57 -6.34
C HIS B 83 11.92 -21.11 -5.88
N VAL B 84 11.40 -20.18 -6.69
CA VAL B 84 11.38 -18.72 -6.35
C VAL B 84 10.59 -18.50 -5.05
N ARG B 85 9.54 -19.27 -4.79
CA ARG B 85 8.77 -19.16 -3.50
C ARG B 85 9.67 -19.42 -2.26
N ALA B 86 10.81 -20.11 -2.43
CA ALA B 86 11.77 -20.46 -1.35
C ALA B 86 12.81 -19.36 -1.14
N TRP B 87 12.90 -18.35 -2.02
CA TRP B 87 13.98 -17.34 -2.00
C TRP B 87 13.92 -16.49 -0.73
N ILE B 88 15.03 -16.47 0.00
CA ILE B 88 15.27 -15.56 1.16
C ILE B 88 16.64 -14.95 0.92
N GLY B 89 16.70 -13.64 0.69
CA GLY B 89 17.97 -12.91 0.67
C GLY B 89 18.69 -13.10 1.99
N PHE B 90 19.99 -13.36 1.96
CA PHE B 90 20.83 -13.49 3.17
C PHE B 90 22.13 -12.72 2.96
N ALA B 91 22.44 -11.82 3.89
CA ALA B 91 23.73 -11.08 3.93
C ALA B 91 24.25 -11.02 5.36
N VAL B 92 25.56 -10.81 5.49
CA VAL B 92 26.26 -10.60 6.78
C VAL B 92 27.13 -9.33 6.66
N ALA B 93 27.18 -8.53 7.73
CA ALA B 93 28.01 -7.30 7.83
C ALA B 93 29.33 -7.66 8.54
N PRO B 107 31.63 -10.91 16.47
CA PRO B 107 30.39 -10.12 16.40
C PRO B 107 29.86 -9.96 14.95
N LEU B 108 28.94 -10.85 14.54
CA LEU B 108 28.41 -10.94 13.15
C LEU B 108 26.93 -10.51 13.14
N GLN B 109 26.56 -9.65 12.19
CA GLN B 109 25.16 -9.20 11.96
C GLN B 109 24.59 -9.96 10.76
N LEU B 110 23.61 -10.84 11.01
CA LEU B 110 22.93 -11.67 9.98
C LEU B 110 21.63 -10.96 9.59
N GLY B 111 21.45 -10.71 8.28
CA GLY B 111 20.29 -10.00 7.71
C GLY B 111 19.57 -10.83 6.66
N PHE B 112 18.25 -10.72 6.62
CA PHE B 112 17.35 -11.50 5.74
C PHE B 112 16.42 -10.56 4.98
N SER B 113 15.93 -11.01 3.80
CA SER B 113 15.03 -10.22 2.94
C SER B 113 13.67 -10.05 3.62
N THR B 114 13.43 -10.75 4.73
CA THR B 114 12.25 -10.56 5.63
C THR B 114 12.32 -9.23 6.39
N GLY B 115 13.46 -8.52 6.37
CA GLY B 115 13.69 -7.30 7.17
C GLY B 115 14.33 -7.59 8.52
N VAL B 116 14.49 -8.88 8.89
CA VAL B 116 15.04 -9.30 10.21
C VAL B 116 16.56 -9.15 10.16
N ASN B 117 17.13 -8.54 11.21
CA ASN B 117 18.58 -8.50 11.51
C ASN B 117 18.78 -9.15 12.89
N LEU B 118 19.78 -10.04 12.99
CA LEU B 118 20.18 -10.73 14.25
C LEU B 118 21.70 -10.57 14.39
N VAL B 119 22.15 -10.16 15.58
CA VAL B 119 23.61 -10.01 15.92
C VAL B 119 24.01 -11.20 16.80
N ALA B 120 25.01 -11.97 16.36
CA ALA B 120 25.49 -13.21 17.03
C ALA B 120 26.77 -12.90 17.81
N VAL B 121 26.77 -13.27 19.09
CA VAL B 121 27.91 -13.10 20.04
C VAL B 121 28.76 -14.37 19.98
N PRO B 122 30.03 -14.30 19.54
CA PRO B 122 30.93 -15.46 19.54
C PRO B 122 31.56 -15.68 20.92
N LYS B 156 22.92 -5.02 22.04
CA LYS B 156 22.89 -5.39 20.60
C LYS B 156 22.85 -6.92 20.48
N GLY B 157 23.88 -7.62 20.98
CA GLY B 157 24.21 -9.02 20.69
C GLY B 157 23.24 -10.03 21.32
N LEU B 158 23.22 -11.25 20.77
CA LEU B 158 22.48 -12.44 21.29
C LEU B 158 23.37 -13.66 21.13
N PRO B 159 23.30 -14.67 22.04
CA PRO B 159 24.08 -15.90 21.88
C PRO B 159 23.55 -16.77 20.73
N TRP B 160 24.45 -17.54 20.11
CA TRP B 160 24.19 -18.34 18.89
C TRP B 160 22.98 -19.27 19.06
N ASN B 161 22.81 -19.87 20.25
CA ASN B 161 21.71 -20.82 20.55
C ASN B 161 20.36 -20.11 20.40
N VAL B 162 20.27 -18.85 20.80
CA VAL B 162 19.04 -18.01 20.66
C VAL B 162 18.88 -17.62 19.19
N VAL B 163 19.98 -17.16 18.56
CA VAL B 163 20.04 -16.70 17.14
C VAL B 163 19.53 -17.83 16.24
N ARG B 164 20.07 -19.04 16.39
CA ARG B 164 19.77 -20.17 15.46
C ARG B 164 18.29 -20.58 15.63
N ILE B 165 17.75 -20.49 16.85
CA ILE B 165 16.29 -20.71 17.13
C ILE B 165 15.44 -19.66 16.40
N LYS B 166 15.85 -18.39 16.46
CA LYS B 166 15.11 -17.26 15.83
C LYS B 166 15.14 -17.41 14.31
N ILE B 167 16.28 -17.79 13.72
CA ILE B 167 16.41 -18.01 12.25
C ILE B 167 15.40 -19.10 11.82
N VAL B 168 15.34 -20.24 12.52
CA VAL B 168 14.44 -21.38 12.15
C VAL B 168 12.97 -20.91 12.26
N GLN B 169 12.64 -20.17 13.33
CA GLN B 169 11.28 -19.60 13.55
C GLN B 169 10.90 -18.68 12.38
N MET B 170 11.77 -17.73 12.04
CA MET B 170 11.55 -16.72 10.97
C MET B 170 11.33 -17.43 9.62
N LEU B 171 12.21 -18.36 9.25
CA LEU B 171 12.11 -19.10 7.96
C LEU B 171 10.84 -19.95 7.95
N SER B 172 10.53 -20.64 9.04
CA SER B 172 9.31 -21.47 9.18
C SER B 172 8.06 -20.61 8.95
N ASP B 173 7.96 -19.45 9.61
CA ASP B 173 6.79 -18.55 9.54
C ASP B 173 6.67 -17.94 8.13
N THR B 174 7.79 -17.58 7.51
CA THR B 174 7.84 -17.00 6.13
C THR B 174 7.46 -18.05 5.09
N LEU B 175 7.99 -19.28 5.19
CA LEU B 175 8.03 -20.23 4.04
C LEU B 175 7.00 -21.35 4.15
N LYS B 176 6.37 -21.54 5.31
CA LYS B 176 5.56 -22.76 5.61
C LYS B 176 4.46 -22.92 4.54
N ASN B 177 3.84 -21.82 4.09
CA ASN B 177 2.70 -21.87 3.14
C ASN B 177 3.17 -21.54 1.70
N LEU B 178 4.48 -21.37 1.47
CA LEU B 178 5.07 -21.01 0.15
C LEU B 178 5.79 -22.21 -0.48
N SER B 179 6.61 -22.93 0.30
CA SER B 179 7.69 -23.79 -0.22
C SER B 179 8.03 -24.93 0.75
N ASP B 180 8.62 -25.99 0.19
CA ASP B 180 9.13 -27.17 0.94
C ASP B 180 10.60 -26.98 1.27
N ARG B 181 11.22 -25.86 0.88
CA ARG B 181 12.68 -25.62 1.11
C ARG B 181 12.93 -24.15 1.38
N VAL B 182 14.20 -23.81 1.58
CA VAL B 182 14.72 -22.41 1.54
C VAL B 182 15.83 -22.37 0.49
N VAL B 183 15.89 -21.29 -0.28
CA VAL B 183 17.00 -20.91 -1.19
C VAL B 183 17.54 -19.58 -0.66
N PHE B 184 18.69 -19.61 0.01
CA PHE B 184 19.39 -18.38 0.44
C PHE B 184 19.93 -17.71 -0.82
N VAL B 185 19.49 -16.48 -1.11
CA VAL B 185 19.94 -15.70 -2.29
C VAL B 185 21.08 -14.79 -1.81
N LEU B 186 22.29 -14.99 -2.35
CA LEU B 186 23.55 -14.35 -1.85
C LEU B 186 24.13 -13.40 -2.90
N TRP B 187 24.73 -12.33 -2.41
CA TRP B 187 25.81 -11.55 -3.04
C TRP B 187 27.07 -11.78 -2.20
N ALA B 188 27.80 -12.87 -2.49
CA ALA B 188 28.71 -13.55 -1.53
C ALA B 188 30.04 -12.79 -1.41
N HIS B 189 30.34 -12.29 -0.20
CA HIS B 189 31.59 -11.62 0.23
C HIS B 189 32.45 -12.54 1.12
N GLY B 190 31.96 -13.75 1.45
CA GLY B 190 32.70 -14.78 2.21
C GLY B 190 32.20 -14.97 3.64
N PHE B 191 31.83 -13.88 4.33
CA PHE B 191 31.43 -13.90 5.77
C PHE B 191 30.09 -14.62 5.94
N GLU B 192 29.11 -14.36 5.07
CA GLU B 192 27.77 -15.01 5.10
C GLU B 192 27.91 -16.53 4.96
N LEU B 193 28.81 -16.99 4.07
CA LEU B 193 29.10 -18.43 3.85
C LEU B 193 29.78 -19.04 5.09
N THR B 194 30.72 -18.30 5.69
CA THR B 194 31.46 -18.66 6.94
C THR B 194 30.48 -18.91 8.08
N SER B 195 29.41 -18.09 8.16
CA SER B 195 28.45 -18.06 9.29
C SER B 195 27.50 -19.27 9.27
N MET B 196 27.36 -19.97 8.14
CA MET B 196 26.29 -20.98 7.94
C MET B 196 26.51 -22.21 8.83
N LYS B 197 27.76 -22.65 9.03
CA LYS B 197 28.09 -23.83 9.90
C LYS B 197 27.55 -23.62 11.33
N TYR B 198 27.26 -22.38 11.73
CA TYR B 198 26.70 -22.01 13.06
C TYR B 198 25.18 -22.22 13.12
N PHE B 199 24.42 -22.22 12.01
CA PHE B 199 22.94 -22.43 12.03
C PHE B 199 22.44 -23.42 10.96
N VAL B 200 23.32 -24.01 10.15
CA VAL B 200 22.97 -24.93 9.03
C VAL B 200 23.56 -26.31 9.33
N LYS B 201 22.76 -27.34 9.08
CA LYS B 201 23.18 -28.75 9.09
C LYS B 201 22.85 -29.33 7.72
N ILE B 202 23.73 -30.19 7.21
CA ILE B 202 23.45 -30.94 5.96
C ILE B 202 23.52 -32.43 6.25
N GLY B 203 22.89 -33.21 5.37
CA GLY B 203 22.86 -34.67 5.45
C GLY B 203 22.03 -35.22 4.29
N PRO B 204 21.54 -36.47 4.39
CA PRO B 204 20.69 -37.02 3.34
C PRO B 204 19.33 -36.31 3.37
N GLU B 205 18.61 -36.34 2.24
CA GLU B 205 17.21 -35.85 2.17
C GLU B 205 16.38 -36.70 3.13
N ARG B 206 15.54 -36.06 3.94
CA ARG B 206 14.67 -36.70 4.95
C ARG B 206 13.27 -36.16 4.80
N THR B 207 12.29 -36.91 5.28
CA THR B 207 10.94 -36.40 5.61
C THR B 207 10.95 -35.89 7.06
N CYS B 208 9.99 -35.01 7.37
CA CYS B 208 9.64 -34.55 8.73
C CYS B 208 9.38 -35.80 9.60
N CYS B 209 9.77 -35.78 10.87
CA CYS B 209 9.51 -36.93 11.79
C CYS B 209 8.00 -37.05 12.05
N LEU B 210 7.20 -35.98 11.81
CA LEU B 210 5.75 -35.92 12.14
C LEU B 210 4.83 -35.98 10.91
N CYS B 211 5.28 -35.62 9.70
CA CYS B 211 4.41 -35.65 8.48
C CYS B 211 5.22 -36.08 7.25
N ASP B 212 4.57 -36.12 6.08
CA ASP B 212 5.15 -36.60 4.78
C ASP B 212 5.97 -35.51 4.09
N ARG B 213 5.97 -34.27 4.58
CA ARG B 213 6.72 -33.14 3.99
C ARG B 213 8.23 -33.39 4.12
N ARG B 214 8.98 -32.83 3.18
CA ARG B 214 10.47 -32.81 3.21
C ARG B 214 10.91 -32.11 4.50
N ALA B 215 12.03 -32.56 5.07
CA ALA B 215 12.63 -32.02 6.32
C ALA B 215 13.41 -30.75 5.96
N THR B 216 13.17 -29.67 6.70
CA THR B 216 13.81 -28.36 6.53
C THR B 216 14.56 -27.94 7.79
N CYS B 217 14.32 -28.61 8.92
CA CYS B 217 14.81 -28.19 10.27
C CYS B 217 15.25 -29.44 11.04
N PHE B 218 16.22 -29.27 11.95
CA PHE B 218 16.75 -30.30 12.87
C PHE B 218 16.75 -29.75 14.31
N SER B 219 16.45 -30.62 15.28
CA SER B 219 16.53 -30.37 16.73
C SER B 219 17.66 -31.23 17.31
N THR B 220 18.75 -30.60 17.73
CA THR B 220 19.93 -31.23 18.41
C THR B 220 19.47 -31.90 19.71
N ALA B 221 18.50 -31.30 20.40
CA ALA B 221 17.93 -31.73 21.69
C ALA B 221 17.30 -33.13 21.59
N SER B 222 16.68 -33.46 20.46
CA SER B 222 15.82 -34.66 20.26
C SER B 222 16.27 -35.55 19.10
N ASP B 223 17.26 -35.13 18.30
CA ASP B 223 17.70 -35.85 17.06
C ASP B 223 16.48 -36.04 16.13
N THR B 224 15.56 -35.08 16.06
CA THR B 224 14.37 -35.16 15.17
C THR B 224 14.44 -34.06 14.10
N TYR B 225 13.72 -34.31 13.02
CA TYR B 225 13.66 -33.48 11.82
C TYR B 225 12.23 -33.00 11.67
N ALA B 226 12.05 -31.76 11.21
CA ALA B 226 10.75 -31.13 10.99
C ALA B 226 10.72 -30.42 9.63
N CYS B 227 9.53 -30.39 9.04
CA CYS B 227 9.15 -29.45 7.95
C CYS B 227 9.01 -28.06 8.57
N TRP B 228 8.67 -27.04 7.78
CA TRP B 228 8.44 -25.65 8.26
C TRP B 228 7.24 -25.57 9.20
N HIS B 229 6.27 -26.48 9.13
CA HIS B 229 5.03 -26.46 9.95
C HIS B 229 5.29 -26.99 11.36
N HIS B 230 6.32 -27.82 11.55
CA HIS B 230 6.47 -28.71 12.74
C HIS B 230 7.76 -28.42 13.48
N SER B 231 8.28 -27.20 13.37
CA SER B 231 9.68 -26.84 13.67
C SER B 231 9.76 -26.04 14.97
N ILE B 232 8.67 -25.92 15.73
CA ILE B 232 8.67 -25.09 16.97
C ILE B 232 9.77 -25.61 17.89
N GLY B 233 10.71 -24.72 18.24
CA GLY B 233 11.84 -25.02 19.14
C GLY B 233 13.05 -25.58 18.42
N PHE B 234 13.00 -25.85 17.11
CA PHE B 234 14.14 -26.46 16.36
C PHE B 234 15.21 -25.39 16.18
N ASP B 235 16.48 -25.82 16.14
CA ASP B 235 17.66 -24.92 16.24
C ASP B 235 18.50 -24.89 14.96
N TYR B 236 18.44 -25.90 14.08
CA TYR B 236 19.25 -25.95 12.83
C TYR B 236 18.35 -25.98 11.58
N VAL B 237 18.76 -25.16 10.59
CA VAL B 237 18.22 -25.16 9.21
C VAL B 237 18.84 -26.35 8.48
N TYR B 238 18.04 -27.29 7.99
CA TYR B 238 18.51 -28.57 7.42
C TYR B 238 18.37 -28.56 5.90
N ASN B 239 19.47 -28.87 5.21
CA ASN B 239 19.58 -28.98 3.73
C ASN B 239 18.95 -27.75 3.10
N PRO B 240 19.42 -26.52 3.44
CA PRO B 240 19.06 -25.33 2.69
C PRO B 240 19.78 -25.36 1.34
N PHE B 241 19.21 -24.67 0.35
CA PHE B 241 19.88 -24.45 -0.96
C PHE B 241 20.27 -22.98 -0.98
N MET B 242 21.10 -22.61 -1.96
CA MET B 242 21.63 -21.23 -2.06
C MET B 242 22.12 -20.94 -3.48
N ILE B 243 22.15 -19.66 -3.82
CA ILE B 243 22.75 -19.12 -5.07
C ILE B 243 23.61 -17.92 -4.72
N ASP B 244 24.79 -17.81 -5.35
CA ASP B 244 25.59 -16.56 -5.37
C ASP B 244 25.27 -15.84 -6.68
N VAL B 245 24.58 -14.70 -6.57
CA VAL B 245 24.16 -13.85 -7.72
C VAL B 245 25.41 -13.29 -8.41
N GLN B 246 26.53 -13.09 -7.68
CA GLN B 246 27.86 -12.66 -8.23
C GLN B 246 28.36 -13.62 -9.32
N GLN B 247 27.96 -14.89 -9.29
CA GLN B 247 28.36 -15.92 -10.27
C GLN B 247 27.58 -15.74 -11.58
N TRP B 248 26.58 -14.84 -11.64
CA TRP B 248 25.70 -14.68 -12.82
C TRP B 248 26.29 -13.67 -13.83
N GLY B 249 27.52 -13.21 -13.60
CA GLY B 249 28.32 -12.48 -14.59
C GLY B 249 28.03 -11.00 -14.56
N PHE B 250 27.82 -10.45 -13.35
CA PHE B 250 27.73 -9.00 -13.08
C PHE B 250 29.12 -8.42 -12.88
N THR B 251 29.24 -7.11 -12.97
CA THR B 251 30.45 -6.30 -12.64
C THR B 251 30.03 -5.24 -11.62
N GLY B 252 30.96 -4.78 -10.79
CA GLY B 252 30.69 -3.75 -9.77
C GLY B 252 29.99 -4.35 -8.56
N ASN B 253 29.53 -3.50 -7.64
CA ASN B 253 28.96 -3.93 -6.33
C ASN B 253 27.46 -4.20 -6.50
N LEU B 254 26.83 -4.71 -5.44
CA LEU B 254 25.39 -5.04 -5.35
C LEU B 254 24.55 -3.81 -5.66
N GLN B 255 24.81 -2.70 -4.94
CA GLN B 255 23.99 -1.47 -5.03
C GLN B 255 24.00 -0.90 -6.47
N SER B 256 25.15 -0.89 -7.14
CA SER B 256 25.28 -0.33 -8.51
C SER B 256 24.38 -1.11 -9.48
N ASN B 257 24.26 -2.43 -9.30
CA ASN B 257 23.43 -3.31 -10.16
C ASN B 257 21.96 -3.18 -9.76
N HIS B 258 21.64 -3.29 -8.46
CA HIS B 258 20.26 -3.22 -7.91
C HIS B 258 19.58 -1.91 -8.34
N ASP B 259 20.24 -0.78 -8.10
CA ASP B 259 19.69 0.59 -8.25
C ASP B 259 19.39 0.93 -9.71
N LEU B 260 19.91 0.18 -10.68
CA LEU B 260 19.57 0.30 -12.12
C LEU B 260 18.07 0.03 -12.37
N TYR B 261 17.45 -0.88 -11.61
CA TYR B 261 16.09 -1.41 -11.92
C TYR B 261 15.07 -1.08 -10.82
N CYS B 262 15.50 -0.45 -9.73
CA CYS B 262 14.70 -0.35 -8.47
C CYS B 262 15.16 0.87 -7.67
N GLN B 263 14.22 1.69 -7.20
CA GLN B 263 14.51 2.86 -6.32
C GLN B 263 13.65 2.81 -5.06
N VAL B 264 13.11 1.63 -4.74
CA VAL B 264 12.19 1.37 -3.57
C VAL B 264 13.01 0.81 -2.40
N HIS B 265 14.17 0.20 -2.66
CA HIS B 265 15.08 -0.38 -1.62
C HIS B 265 16.35 0.47 -1.53
N GLY B 266 16.41 1.37 -0.53
CA GLY B 266 17.62 2.13 -0.18
C GLY B 266 18.61 1.26 0.56
N ASN B 267 19.92 1.44 0.30
CA ASN B 267 21.01 0.72 1.02
C ASN B 267 21.35 1.52 2.28
N ALA B 268 20.76 1.16 3.42
CA ALA B 268 21.22 1.53 4.77
C ALA B 268 22.44 0.67 5.12
N HIS B 269 23.14 1.00 6.21
CA HIS B 269 24.41 0.34 6.63
C HIS B 269 24.10 -0.94 7.43
N VAL B 270 23.16 -1.79 6.94
CA VAL B 270 22.62 -2.98 7.66
C VAL B 270 22.48 -4.16 6.68
N ALA B 271 22.65 -5.38 7.20
CA ALA B 271 22.74 -6.66 6.45
C ALA B 271 21.45 -6.94 5.68
N SER B 272 20.29 -6.72 6.31
CA SER B 272 18.93 -7.00 5.76
C SER B 272 18.68 -6.19 4.48
N CYS B 273 19.22 -4.97 4.38
CA CYS B 273 19.08 -4.08 3.19
C CYS B 273 19.83 -4.70 2.00
N ASP B 274 21.04 -5.22 2.21
CA ASP B 274 21.79 -6.02 1.20
C ASP B 274 21.00 -7.29 0.82
N ALA B 275 20.45 -8.00 1.81
CA ALA B 275 19.65 -9.24 1.61
C ALA B 275 18.47 -8.93 0.69
N ILE B 276 17.73 -7.85 0.97
CA ILE B 276 16.54 -7.35 0.20
C ILE B 276 16.98 -7.02 -1.24
N MET B 277 18.01 -6.20 -1.41
CA MET B 277 18.58 -5.76 -2.72
C MET B 277 19.01 -6.97 -3.56
N THR B 278 19.67 -7.96 -2.95
CA THR B 278 20.18 -9.18 -3.63
C THR B 278 19.01 -10.00 -4.18
N ARG B 279 17.98 -10.25 -3.36
CA ARG B 279 16.79 -11.01 -3.82
C ARG B 279 16.08 -10.17 -4.89
N CYS B 280 15.90 -8.87 -4.68
CA CYS B 280 15.26 -7.95 -5.66
C CYS B 280 15.97 -8.04 -7.01
N LEU B 281 17.29 -7.93 -7.01
CA LEU B 281 18.14 -8.03 -8.23
C LEU B 281 17.93 -9.40 -8.90
N ALA B 282 17.93 -10.49 -8.12
CA ALA B 282 17.71 -11.86 -8.64
C ALA B 282 16.34 -11.96 -9.31
N VAL B 283 15.30 -11.42 -8.68
CA VAL B 283 13.91 -11.40 -9.22
C VAL B 283 13.91 -10.61 -10.54
N HIS B 284 14.61 -9.47 -10.60
CA HIS B 284 14.70 -8.67 -11.86
C HIS B 284 15.30 -9.54 -12.97
N GLU B 285 16.48 -10.13 -12.73
CA GLU B 285 17.19 -10.94 -13.75
C GLU B 285 16.35 -12.11 -14.23
N CYS B 286 15.57 -12.75 -13.36
CA CYS B 286 14.92 -14.04 -13.65
C CYS B 286 13.47 -13.87 -14.14
N PHE B 287 12.78 -12.76 -13.85
CA PHE B 287 11.30 -12.64 -14.05
C PHE B 287 10.85 -11.37 -14.80
N VAL B 288 11.54 -10.24 -14.69
CA VAL B 288 11.01 -8.93 -15.18
C VAL B 288 10.90 -8.92 -16.71
N LYS B 289 11.81 -9.58 -17.42
CA LYS B 289 11.97 -9.44 -18.90
C LYS B 289 10.79 -10.09 -19.64
N ARG B 290 10.29 -11.25 -19.20
CA ARG B 290 9.21 -12.00 -19.93
C ARG B 290 8.60 -13.11 -19.06
N VAL B 291 7.43 -13.60 -19.45
CA VAL B 291 6.79 -14.80 -18.87
C VAL B 291 7.48 -16.02 -19.50
N ASP B 292 7.94 -16.95 -18.67
CA ASP B 292 8.41 -18.29 -19.12
C ASP B 292 7.22 -19.25 -19.01
N TRP B 293 6.57 -19.53 -20.14
CA TRP B 293 5.37 -20.40 -20.24
C TRP B 293 5.75 -21.88 -20.03
N THR B 294 7.04 -22.23 -20.03
CA THR B 294 7.52 -23.63 -19.90
C THR B 294 7.64 -24.03 -18.43
N ILE B 295 7.74 -23.06 -17.51
CA ILE B 295 7.89 -23.32 -16.05
C ILE B 295 6.51 -23.15 -15.38
N GLU B 296 6.03 -24.24 -14.76
CA GLU B 296 4.78 -24.27 -13.95
C GLU B 296 5.16 -24.38 -12.48
N TYR B 297 4.27 -23.89 -11.62
CA TYR B 297 4.45 -23.84 -10.16
C TYR B 297 3.30 -24.60 -9.52
N PRO B 298 3.56 -25.34 -8.43
CA PRO B 298 2.49 -26.10 -7.78
C PRO B 298 1.39 -25.23 -7.16
N ILE B 299 0.21 -25.82 -6.98
CA ILE B 299 -0.96 -25.19 -6.30
C ILE B 299 -0.62 -25.09 -4.82
N ILE B 300 -0.71 -23.88 -4.25
CA ILE B 300 -0.49 -23.65 -2.79
C ILE B 300 -1.68 -22.92 -2.16
N GLY B 301 -2.71 -22.56 -2.93
CA GLY B 301 -3.90 -21.87 -2.41
C GLY B 301 -5.09 -22.09 -3.31
N ASP B 302 -5.77 -21.00 -3.67
CA ASP B 302 -7.06 -21.00 -4.41
C ASP B 302 -6.87 -20.74 -5.90
N GLU B 303 -5.68 -21.01 -6.46
CA GLU B 303 -5.37 -20.82 -7.90
C GLU B 303 -6.54 -21.30 -8.76
N LEU B 304 -7.00 -22.56 -8.59
CA LEU B 304 -7.97 -23.19 -9.54
C LEU B 304 -9.28 -22.40 -9.52
N LYS B 305 -9.83 -22.11 -8.34
CA LYS B 305 -11.11 -21.36 -8.18
C LYS B 305 -10.93 -19.90 -8.62
N ILE B 306 -9.84 -19.25 -8.25
CA ILE B 306 -9.54 -17.85 -8.67
C ILE B 306 -9.52 -17.80 -10.20
N ASN B 307 -8.79 -18.72 -10.84
CA ASN B 307 -8.59 -18.70 -12.32
C ASN B 307 -9.92 -19.00 -13.03
N ALA B 308 -10.70 -19.95 -12.53
CA ALA B 308 -12.06 -20.26 -13.03
C ALA B 308 -12.95 -19.01 -12.95
N ALA B 309 -12.93 -18.32 -11.81
CA ALA B 309 -13.76 -17.13 -11.53
C ALA B 309 -13.37 -15.98 -12.48
N CYS B 310 -12.07 -15.76 -12.67
CA CYS B 310 -11.53 -14.70 -13.55
C CYS B 310 -11.95 -14.94 -15.00
N ARG B 311 -11.96 -16.18 -15.47
CA ARG B 311 -12.35 -16.53 -16.88
C ARG B 311 -13.85 -16.36 -17.08
N LYS B 312 -14.69 -16.71 -16.09
CA LYS B 312 -16.15 -16.47 -16.13
C LYS B 312 -16.41 -14.96 -16.28
N VAL B 313 -15.71 -14.14 -15.50
CA VAL B 313 -15.87 -12.66 -15.47
C VAL B 313 -15.38 -12.07 -16.80
N GLN B 314 -14.23 -12.53 -17.28
CA GLN B 314 -13.64 -12.06 -18.56
C GLN B 314 -14.65 -12.25 -19.69
N HIS B 315 -15.23 -13.45 -19.80
CA HIS B 315 -16.22 -13.80 -20.85
C HIS B 315 -17.43 -12.86 -20.73
N MET B 316 -18.00 -12.75 -19.54
CA MET B 316 -19.20 -11.94 -19.25
C MET B 316 -18.97 -10.49 -19.70
N VAL B 317 -17.86 -9.90 -19.26
CA VAL B 317 -17.52 -8.47 -19.44
C VAL B 317 -17.26 -8.17 -20.92
N VAL B 318 -16.50 -9.01 -21.62
CA VAL B 318 -16.14 -8.76 -23.04
C VAL B 318 -17.38 -9.01 -23.91
N LYS B 319 -18.14 -10.07 -23.64
CA LYS B 319 -19.44 -10.36 -24.30
C LYS B 319 -20.34 -9.13 -24.18
N ALA B 320 -20.52 -8.62 -22.95
CA ALA B 320 -21.44 -7.52 -22.61
C ALA B 320 -21.02 -6.22 -23.29
N ALA B 321 -19.72 -5.90 -23.33
CA ALA B 321 -19.20 -4.66 -23.96
C ALA B 321 -19.42 -4.72 -25.48
N LEU B 322 -19.24 -5.89 -26.12
CA LEU B 322 -19.43 -6.05 -27.58
C LEU B 322 -20.93 -5.89 -27.93
N LEU B 323 -21.83 -6.51 -27.15
CA LEU B 323 -23.31 -6.39 -27.34
C LEU B 323 -23.78 -4.95 -27.11
N ALA B 324 -23.24 -4.25 -26.12
CA ALA B 324 -23.70 -2.92 -25.67
C ALA B 324 -23.28 -1.82 -26.65
N ASP B 325 -22.04 -1.85 -27.16
CA ASP B 325 -21.44 -0.75 -27.96
C ASP B 325 -21.09 -1.21 -29.39
N LYS B 326 -21.23 -2.50 -29.71
CA LYS B 326 -21.20 -3.03 -31.10
C LYS B 326 -19.87 -2.64 -31.76
N PHE B 327 -18.75 -2.84 -31.04
CA PHE B 327 -17.39 -2.55 -31.55
C PHE B 327 -17.13 -3.47 -32.74
N PRO B 328 -16.67 -2.94 -33.90
CA PRO B 328 -16.38 -3.78 -35.07
C PRO B 328 -15.11 -4.63 -34.89
N VAL B 329 -14.15 -4.13 -34.12
CA VAL B 329 -12.83 -4.79 -33.88
C VAL B 329 -12.55 -4.84 -32.37
N LEU B 330 -11.91 -5.91 -31.93
CA LEU B 330 -11.36 -6.08 -30.56
C LEU B 330 -9.85 -6.28 -30.65
N HIS B 331 -9.08 -5.38 -30.05
CA HIS B 331 -7.60 -5.46 -29.96
C HIS B 331 -7.22 -6.13 -28.64
N ASP B 332 -6.98 -7.44 -28.67
CA ASP B 332 -6.59 -8.28 -27.50
C ASP B 332 -5.09 -8.11 -27.31
N ILE B 333 -4.70 -7.11 -26.52
CA ILE B 333 -3.29 -6.71 -26.30
C ILE B 333 -2.79 -7.48 -25.07
N GLY B 334 -1.73 -8.27 -25.25
CA GLY B 334 -1.18 -9.18 -24.23
C GLY B 334 -1.83 -10.54 -24.28
N ASN B 335 -2.12 -11.04 -25.49
CA ASN B 335 -2.66 -12.41 -25.73
C ASN B 335 -1.64 -13.15 -26.60
N PRO B 336 -0.73 -13.95 -26.00
CA PRO B 336 0.32 -14.66 -26.75
C PRO B 336 -0.08 -16.03 -27.31
N LYS B 337 -1.33 -16.48 -27.12
CA LYS B 337 -1.81 -17.84 -27.49
C LYS B 337 -2.94 -17.77 -28.52
N ALA B 338 -3.40 -16.59 -28.92
CA ALA B 338 -4.50 -16.38 -29.89
C ALA B 338 -5.76 -17.15 -29.48
N ILE B 339 -6.12 -17.12 -28.20
CA ILE B 339 -7.38 -17.72 -27.68
C ILE B 339 -8.36 -16.58 -27.37
N LYS B 340 -9.53 -16.58 -28.02
CA LYS B 340 -10.63 -15.60 -27.82
C LYS B 340 -11.40 -16.02 -26.57
N CYS B 341 -11.70 -15.09 -25.65
CA CYS B 341 -12.49 -15.35 -24.42
C CYS B 341 -13.98 -15.42 -24.76
N VAL B 342 -14.41 -14.87 -25.89
CA VAL B 342 -15.80 -14.95 -26.42
C VAL B 342 -15.73 -15.44 -27.87
N PRO B 343 -15.54 -16.77 -28.14
CA PRO B 343 -15.35 -17.25 -29.51
C PRO B 343 -16.58 -17.10 -30.42
N GLN B 344 -17.79 -17.05 -29.85
CA GLN B 344 -19.07 -16.98 -30.60
C GLN B 344 -19.44 -15.52 -30.98
N ALA B 345 -18.63 -14.52 -30.62
CA ALA B 345 -18.96 -13.09 -30.86
C ALA B 345 -18.64 -12.71 -32.31
N ASP B 346 -19.57 -12.02 -33.01
CA ASP B 346 -19.35 -11.49 -34.37
C ASP B 346 -18.59 -10.16 -34.23
N VAL B 347 -17.27 -10.27 -34.18
CA VAL B 347 -16.32 -9.14 -34.13
C VAL B 347 -15.02 -9.59 -34.80
N GLU B 348 -14.28 -8.66 -35.36
CA GLU B 348 -12.90 -8.89 -35.88
C GLU B 348 -11.96 -8.90 -34.66
N TRP B 349 -11.43 -10.07 -34.29
CA TRP B 349 -10.58 -10.27 -33.10
C TRP B 349 -9.11 -10.25 -33.52
N LYS B 350 -8.36 -9.26 -33.07
CA LYS B 350 -6.91 -9.12 -33.34
C LYS B 350 -6.14 -9.42 -32.06
N PHE B 351 -5.01 -10.10 -32.20
CA PHE B 351 -4.11 -10.53 -31.10
C PHE B 351 -2.79 -9.78 -31.24
N TYR B 352 -2.29 -9.27 -30.11
CA TYR B 352 -0.96 -8.60 -30.00
C TYR B 352 -0.30 -9.11 -28.71
N ASP B 353 1.02 -9.26 -28.73
CA ASP B 353 1.81 -9.58 -27.51
C ASP B 353 3.24 -9.13 -27.70
N ALA B 354 3.89 -8.68 -26.62
CA ALA B 354 5.34 -8.37 -26.58
C ALA B 354 6.16 -9.63 -26.92
N GLN B 355 5.67 -10.82 -26.56
CA GLN B 355 6.32 -12.15 -26.77
C GLN B 355 5.27 -13.17 -27.19
N PRO B 356 4.84 -13.20 -28.48
CA PRO B 356 3.90 -14.21 -28.94
C PRO B 356 4.49 -15.63 -28.81
N CYS B 357 3.67 -16.62 -28.47
CA CYS B 357 4.06 -18.05 -28.54
C CYS B 357 4.39 -18.36 -30.01
N SER B 358 5.58 -18.92 -30.26
CA SER B 358 6.19 -19.05 -31.61
C SER B 358 5.31 -19.91 -32.54
N ASP B 359 4.59 -20.89 -31.99
CA ASP B 359 3.65 -21.77 -32.74
C ASP B 359 2.41 -21.00 -33.20
N LYS B 360 2.14 -19.81 -32.64
CA LYS B 360 0.98 -18.94 -32.96
C LYS B 360 1.43 -17.57 -33.49
N ALA B 361 2.74 -17.29 -33.57
CA ALA B 361 3.30 -15.98 -33.95
C ALA B 361 2.74 -15.49 -35.30
N TYR B 362 2.34 -16.40 -36.19
CA TYR B 362 1.70 -16.11 -37.50
C TYR B 362 0.36 -15.35 -37.31
N LYS B 363 -0.37 -15.62 -36.21
CA LYS B 363 -1.71 -15.07 -35.90
C LYS B 363 -1.62 -13.85 -34.96
N ILE B 364 -0.44 -13.51 -34.45
CA ILE B 364 -0.27 -12.53 -33.34
C ILE B 364 0.84 -11.55 -33.72
N GLU B 365 0.54 -10.26 -33.67
CA GLU B 365 1.51 -9.18 -33.98
C GLU B 365 2.42 -8.95 -32.77
N GLU B 366 3.73 -9.02 -32.96
CA GLU B 366 4.71 -8.72 -31.89
C GLU B 366 4.70 -7.20 -31.67
N LEU B 367 4.31 -6.75 -30.48
CA LEU B 367 4.11 -5.31 -30.15
C LEU B 367 4.21 -5.14 -28.64
N PHE B 368 5.03 -4.18 -28.20
CA PHE B 368 5.11 -3.71 -26.80
C PHE B 368 4.28 -2.42 -26.68
N TYR B 369 3.10 -2.51 -26.05
CA TYR B 369 2.20 -1.36 -25.89
C TYR B 369 2.75 -0.45 -24.79
N SER B 370 2.94 0.81 -25.15
CA SER B 370 3.07 1.98 -24.27
C SER B 370 2.16 3.07 -24.85
N TYR B 371 1.51 3.87 -24.00
CA TYR B 371 0.62 4.97 -24.43
C TYR B 371 1.45 5.97 -25.27
N ALA B 372 2.66 6.29 -24.80
CA ALA B 372 3.63 7.22 -25.41
C ALA B 372 3.93 6.83 -26.86
N THR B 373 3.96 5.53 -27.18
CA THR B 373 4.32 5.01 -28.53
C THR B 373 3.10 4.51 -29.31
N HIS B 374 1.94 4.34 -28.69
CA HIS B 374 0.78 3.71 -29.37
C HIS B 374 -0.52 4.50 -29.19
N SER B 375 -0.49 5.75 -28.70
CA SER B 375 -1.71 6.62 -28.58
C SER B 375 -2.34 6.90 -29.97
N ASP B 376 -1.54 6.86 -31.04
CA ASP B 376 -1.99 7.06 -32.45
C ASP B 376 -2.42 5.74 -33.13
N LYS B 377 -2.40 4.59 -32.43
CA LYS B 377 -2.85 3.28 -32.97
C LYS B 377 -4.10 2.83 -32.20
N PHE B 378 -4.70 1.70 -32.60
CA PHE B 378 -5.91 1.11 -32.00
C PHE B 378 -6.98 2.21 -31.90
N THR B 379 -7.16 2.93 -33.01
CA THR B 379 -8.07 4.11 -33.11
C THR B 379 -9.53 3.64 -33.16
N ASP B 380 -9.73 2.40 -33.59
CA ASP B 380 -11.05 1.77 -33.89
C ASP B 380 -11.34 0.69 -32.84
N GLY B 381 -12.62 0.34 -32.66
CA GLY B 381 -13.08 -0.71 -31.74
C GLY B 381 -12.59 -0.51 -30.33
N VAL B 382 -12.35 -1.62 -29.63
CA VAL B 382 -12.07 -1.65 -28.16
C VAL B 382 -10.82 -2.49 -27.92
N CYS B 383 -9.95 -2.02 -27.04
CA CYS B 383 -8.73 -2.73 -26.58
C CYS B 383 -9.05 -3.55 -25.33
N LEU B 384 -8.72 -4.83 -25.36
CA LEU B 384 -8.79 -5.75 -24.19
C LEU B 384 -7.37 -5.89 -23.63
N PHE B 385 -7.17 -5.40 -22.41
CA PHE B 385 -5.93 -5.55 -21.61
C PHE B 385 -6.22 -6.45 -20.40
N TRP B 386 -6.32 -7.76 -20.62
CA TRP B 386 -6.61 -8.74 -19.54
C TRP B 386 -5.30 -9.12 -18.87
N ASN B 387 -4.93 -8.36 -17.83
CA ASN B 387 -3.66 -8.48 -17.07
C ASN B 387 -2.49 -8.28 -18.02
N CYS B 388 -2.63 -7.31 -18.92
CA CYS B 388 -1.55 -6.76 -19.75
C CYS B 388 -1.24 -5.36 -19.19
N ASN B 389 -0.21 -5.28 -18.33
CA ASN B 389 -0.05 -4.19 -17.33
C ASN B 389 0.79 -3.07 -17.93
N VAL B 390 0.17 -2.25 -18.78
CA VAL B 390 0.86 -1.15 -19.52
C VAL B 390 0.91 0.11 -18.63
N ASP B 391 1.71 1.10 -19.03
CA ASP B 391 1.93 2.37 -18.29
C ASP B 391 0.62 3.16 -18.16
N ARG B 392 -0.16 3.25 -19.24
CA ARG B 392 -1.43 3.99 -19.27
C ARG B 392 -2.31 3.41 -20.37
N TYR B 393 -3.57 3.15 -20.04
CA TYR B 393 -4.53 2.53 -20.97
C TYR B 393 -5.18 3.65 -21.77
N PRO B 394 -5.45 3.41 -23.08
CA PRO B 394 -6.21 4.38 -23.89
C PRO B 394 -7.68 4.34 -23.46
N ALA B 395 -8.43 5.37 -23.87
CA ALA B 395 -9.86 5.58 -23.53
C ALA B 395 -10.73 4.39 -23.94
N ASN B 396 -10.40 3.72 -25.05
CA ASN B 396 -11.23 2.64 -25.65
C ASN B 396 -10.78 1.27 -25.12
N SER B 397 -10.85 1.05 -23.80
CA SER B 397 -10.22 -0.11 -23.11
C SER B 397 -11.20 -0.83 -22.19
N ILE B 398 -11.01 -2.15 -22.11
CA ILE B 398 -11.53 -3.04 -21.04
C ILE B 398 -10.29 -3.61 -20.36
N VAL B 399 -10.16 -3.47 -19.05
CA VAL B 399 -8.91 -3.77 -18.31
C VAL B 399 -9.23 -4.67 -17.10
N CYS B 400 -8.43 -5.71 -16.93
CA CYS B 400 -8.24 -6.40 -15.64
C CYS B 400 -6.81 -6.14 -15.21
N ARG B 401 -6.64 -5.61 -13.99
CA ARG B 401 -5.31 -5.35 -13.42
C ARG B 401 -5.23 -5.92 -12.00
N PHE B 402 -4.13 -6.58 -11.70
CA PHE B 402 -3.83 -7.11 -10.35
C PHE B 402 -3.26 -5.98 -9.49
N ASP B 403 -3.81 -5.81 -8.30
CA ASP B 403 -3.26 -4.90 -7.26
C ASP B 403 -2.12 -5.63 -6.53
N THR B 404 -0.88 -5.22 -6.82
CA THR B 404 0.39 -5.75 -6.28
C THR B 404 0.49 -5.60 -4.77
N ARG B 405 -0.33 -4.73 -4.16
CA ARG B 405 -0.33 -4.50 -2.70
C ARG B 405 -1.08 -5.61 -1.97
N VAL B 406 -1.90 -6.40 -2.66
CA VAL B 406 -2.80 -7.41 -2.00
C VAL B 406 -1.92 -8.52 -1.38
N LEU B 407 -2.14 -8.80 -0.09
CA LEU B 407 -1.36 -9.81 0.68
C LEU B 407 -1.92 -11.19 0.33
N SER B 408 -1.05 -12.09 -0.08
CA SER B 408 -1.41 -13.45 -0.57
C SER B 408 -0.15 -14.30 -0.62
N ASN B 409 -0.28 -15.60 -0.35
CA ASN B 409 0.80 -16.61 -0.57
C ASN B 409 1.13 -16.70 -2.08
N LEU B 410 0.21 -16.33 -2.97
CA LEU B 410 0.50 -16.26 -4.43
C LEU B 410 1.38 -15.06 -4.77
N ASN B 411 1.35 -14.00 -3.97
CA ASN B 411 1.91 -12.67 -4.31
C ASN B 411 3.19 -12.46 -3.49
N LEU B 412 4.36 -12.55 -4.16
CA LEU B 412 5.71 -12.41 -3.55
C LEU B 412 6.21 -10.99 -3.76
N PRO B 413 7.03 -10.44 -2.84
CA PRO B 413 7.68 -9.15 -3.05
C PRO B 413 8.50 -9.17 -4.34
N GLY B 414 8.36 -8.14 -5.17
CA GLY B 414 9.02 -8.06 -6.49
C GLY B 414 10.00 -6.90 -6.54
N CYS B 415 10.25 -6.41 -7.75
CA CYS B 415 11.27 -5.39 -8.09
C CYS B 415 10.54 -4.05 -8.28
N ASP B 416 11.01 -3.01 -7.59
CA ASP B 416 10.70 -1.57 -7.83
C ASP B 416 9.25 -1.28 -7.44
N GLY B 417 8.79 -1.82 -6.30
CA GLY B 417 7.40 -1.72 -5.83
C GLY B 417 6.46 -2.70 -6.52
N GLY B 418 6.92 -3.41 -7.56
CA GLY B 418 6.16 -4.47 -8.21
C GLY B 418 6.14 -5.73 -7.37
N SER B 419 5.38 -6.74 -7.80
CA SER B 419 5.27 -8.04 -7.11
C SER B 419 5.43 -9.17 -8.13
N LEU B 420 5.87 -10.33 -7.67
CA LEU B 420 5.94 -11.56 -8.50
C LEU B 420 4.72 -12.41 -8.15
N TYR B 421 3.72 -12.40 -9.02
CA TYR B 421 2.46 -13.17 -8.85
C TYR B 421 2.69 -14.57 -9.41
N VAL B 422 2.86 -15.55 -8.53
CA VAL B 422 3.12 -16.97 -8.91
C VAL B 422 1.81 -17.73 -8.72
N ASN B 423 1.11 -17.92 -9.81
CA ASN B 423 -0.18 -18.65 -9.91
C ASN B 423 -0.08 -19.43 -11.23
N LYS B 424 0.26 -20.73 -11.14
CA LYS B 424 0.62 -21.62 -12.29
C LYS B 424 1.93 -21.17 -12.92
N HIS B 425 2.01 -19.92 -13.42
CA HIS B 425 3.28 -19.32 -13.92
C HIS B 425 3.67 -18.13 -13.03
N ALA B 426 4.90 -17.66 -13.19
CA ALA B 426 5.46 -16.49 -12.47
C ALA B 426 5.29 -15.24 -13.35
N PHE B 427 4.42 -14.33 -12.91
CA PHE B 427 4.06 -13.07 -13.62
C PHE B 427 4.58 -11.89 -12.80
N HIS B 428 5.72 -11.31 -13.18
CA HIS B 428 6.18 -10.05 -12.55
C HIS B 428 5.22 -8.95 -13.01
N THR B 429 4.73 -8.16 -12.06
CA THR B 429 3.72 -7.09 -12.22
C THR B 429 4.32 -5.79 -11.69
N PRO B 430 4.31 -4.68 -12.47
CA PRO B 430 4.72 -3.38 -11.96
C PRO B 430 3.76 -2.96 -10.85
N ALA B 431 4.24 -2.10 -9.95
CA ALA B 431 3.45 -1.45 -8.88
C ALA B 431 2.09 -1.02 -9.43
N PHE B 432 1.03 -1.35 -8.70
CA PHE B 432 -0.34 -0.83 -8.90
C PHE B 432 -0.26 0.71 -8.80
N ASP B 433 -0.74 1.38 -9.83
CA ASP B 433 -0.64 2.86 -9.98
C ASP B 433 -1.99 3.33 -10.53
N LYS B 434 -2.75 4.11 -9.74
CA LYS B 434 -4.13 4.54 -10.11
C LYS B 434 -4.09 5.46 -11.35
N SER B 435 -2.99 6.14 -11.61
CA SER B 435 -2.84 7.09 -12.76
C SER B 435 -2.84 6.33 -14.09
N ALA B 436 -2.60 5.01 -14.09
CA ALA B 436 -2.74 4.14 -15.28
C ALA B 436 -4.18 4.15 -15.82
N PHE B 437 -5.19 4.38 -14.95
CA PHE B 437 -6.63 4.22 -15.27
C PHE B 437 -7.33 5.58 -15.47
N VAL B 438 -6.56 6.66 -15.65
CA VAL B 438 -7.04 8.07 -15.68
C VAL B 438 -8.11 8.26 -16.77
N ASN B 439 -8.04 7.52 -17.88
CA ASN B 439 -9.02 7.59 -19.01
C ASN B 439 -10.20 6.64 -18.84
N LEU B 440 -10.26 5.88 -17.74
CA LEU B 440 -11.28 4.82 -17.55
C LEU B 440 -12.04 5.07 -16.26
N LYS B 441 -13.10 4.31 -16.06
CA LYS B 441 -13.88 4.26 -14.81
C LYS B 441 -13.87 2.81 -14.31
N GLN B 442 -14.17 2.61 -13.04
CA GLN B 442 -14.38 1.26 -12.48
C GLN B 442 -15.57 0.63 -13.22
N LEU B 443 -15.43 -0.64 -13.60
CA LEU B 443 -16.51 -1.41 -14.25
C LEU B 443 -17.46 -1.87 -13.16
N PRO B 444 -18.73 -1.39 -13.11
CA PRO B 444 -19.68 -1.82 -12.08
C PRO B 444 -20.13 -3.27 -12.29
N PHE B 445 -20.41 -3.95 -11.18
CA PHE B 445 -20.96 -5.32 -11.18
C PHE B 445 -22.28 -5.34 -11.95
N PHE B 446 -22.47 -6.38 -12.75
CA PHE B 446 -23.75 -6.78 -13.40
C PHE B 446 -23.62 -8.25 -13.83
N TYR B 447 -24.77 -8.90 -13.97
CA TYR B 447 -24.95 -10.22 -14.64
C TYR B 447 -25.78 -9.99 -15.89
N TYR B 448 -25.31 -10.45 -17.04
CA TYR B 448 -26.05 -10.47 -18.33
C TYR B 448 -26.17 -11.91 -18.83
N SER B 449 -27.36 -12.31 -19.29
CA SER B 449 -27.62 -13.58 -20.01
C SER B 449 -28.68 -13.38 -21.10
N ASP B 450 -28.37 -13.80 -22.33
CA ASP B 450 -29.33 -13.94 -23.46
C ASP B 450 -29.72 -15.42 -23.63
N SER B 451 -29.21 -16.31 -22.78
CA SER B 451 -29.57 -17.75 -22.75
C SER B 451 -31.05 -17.90 -22.45
N PRO B 452 -31.68 -19.05 -22.79
CA PRO B 452 -33.09 -19.27 -22.49
C PRO B 452 -33.39 -19.37 -20.99
N CYS B 453 -34.57 -18.90 -20.57
CA CYS B 453 -35.10 -18.98 -19.18
C CYS B 453 -35.54 -20.42 -18.89
N GLU B 454 -35.72 -20.76 -17.61
CA GLU B 454 -36.24 -22.08 -17.13
C GLU B 454 -37.18 -21.84 -15.94
N VAL B 467 -37.29 -16.75 -1.90
CA VAL B 467 -36.83 -15.35 -2.11
C VAL B 467 -36.55 -15.14 -3.60
N PRO B 468 -37.53 -14.64 -4.40
CA PRO B 468 -37.27 -14.22 -5.78
C PRO B 468 -36.22 -13.11 -5.87
N LEU B 469 -35.40 -13.14 -6.93
CA LEU B 469 -34.25 -12.22 -7.15
C LEU B 469 -34.79 -10.84 -7.58
N LYS B 470 -34.70 -9.85 -6.69
CA LYS B 470 -35.04 -8.43 -6.95
C LYS B 470 -33.72 -7.63 -7.03
N SER B 471 -33.12 -7.54 -8.22
CA SER B 471 -31.83 -6.86 -8.45
C SER B 471 -31.81 -6.13 -9.80
N ALA B 472 -31.40 -4.86 -9.79
CA ALA B 472 -31.21 -4.01 -10.98
C ALA B 472 -29.98 -4.47 -11.77
N THR B 473 -29.13 -5.33 -11.20
CA THR B 473 -27.86 -5.81 -11.80
C THR B 473 -28.02 -7.21 -12.40
N CYS B 474 -29.23 -7.79 -12.37
CA CYS B 474 -29.60 -9.03 -13.12
C CYS B 474 -30.26 -8.63 -14.44
N ILE B 475 -29.46 -8.54 -15.49
CA ILE B 475 -29.91 -8.10 -16.85
C ILE B 475 -30.27 -9.37 -17.63
N THR B 476 -31.49 -9.87 -17.41
CA THR B 476 -32.09 -11.06 -18.07
C THR B 476 -33.52 -10.73 -18.53
N ARG B 477 -34.04 -11.52 -19.48
CA ARG B 477 -35.42 -11.39 -20.03
C ARG B 477 -36.45 -11.49 -18.89
N CYS B 478 -36.25 -12.42 -17.95
CA CYS B 478 -37.20 -12.70 -16.84
C CYS B 478 -37.24 -11.54 -15.84
N ASN B 479 -36.12 -10.86 -15.57
CA ASN B 479 -36.07 -9.68 -14.66
C ASN B 479 -36.82 -8.50 -15.32
N LEU B 480 -36.73 -8.40 -16.66
CA LEU B 480 -37.47 -7.42 -17.49
C LEU B 480 -38.99 -7.60 -17.25
N GLY B 481 -39.47 -8.85 -17.21
CA GLY B 481 -40.88 -9.21 -17.01
C GLY B 481 -41.17 -9.57 -15.56
N GLY B 482 -40.88 -8.66 -14.62
CA GLY B 482 -41.14 -8.86 -13.19
C GLY B 482 -40.18 -9.86 -12.57
N ALA B 483 -40.63 -11.12 -12.40
CA ALA B 483 -39.97 -12.16 -11.57
C ALA B 483 -38.91 -12.92 -12.39
N VAL B 484 -37.78 -13.24 -11.75
CA VAL B 484 -36.58 -13.87 -12.38
C VAL B 484 -36.73 -15.40 -12.33
N CYS B 485 -36.36 -16.12 -13.40
CA CYS B 485 -36.49 -17.59 -13.48
C CYS B 485 -35.44 -18.28 -12.59
N ARG B 486 -35.65 -19.56 -12.26
CA ARG B 486 -34.81 -20.39 -11.34
C ARG B 486 -33.39 -20.50 -11.91
N HIS B 487 -33.25 -20.68 -13.24
CA HIS B 487 -31.95 -20.85 -13.92
C HIS B 487 -31.11 -19.57 -13.76
N HIS B 488 -31.68 -18.43 -14.15
CA HIS B 488 -30.97 -17.12 -14.19
C HIS B 488 -30.66 -16.64 -12.76
N ALA B 489 -31.56 -16.87 -11.79
CA ALA B 489 -31.34 -16.54 -10.36
C ALA B 489 -30.17 -17.35 -9.79
N ASN B 490 -30.04 -18.60 -10.22
CA ASN B 490 -28.96 -19.53 -9.81
C ASN B 490 -27.64 -19.07 -10.46
N GLU B 491 -27.65 -18.80 -11.77
CA GLU B 491 -26.48 -18.34 -12.56
C GLU B 491 -25.99 -16.98 -12.03
N TYR B 492 -26.91 -16.07 -11.71
CA TYR B 492 -26.63 -14.76 -11.07
C TYR B 492 -25.83 -14.95 -9.78
N ARG B 493 -26.29 -15.85 -8.90
CA ARG B 493 -25.68 -16.09 -7.57
C ARG B 493 -24.29 -16.73 -7.77
N LEU B 494 -24.14 -17.64 -8.73
CA LEU B 494 -22.83 -18.25 -9.10
C LEU B 494 -21.89 -17.17 -9.64
N TYR B 495 -22.40 -16.25 -10.46
CA TYR B 495 -21.58 -15.19 -11.11
C TYR B 495 -21.10 -14.18 -10.05
N LEU B 496 -21.99 -13.76 -9.15
CA LEU B 496 -21.68 -12.86 -8.00
C LEU B 496 -20.56 -13.50 -7.15
N ASP B 497 -20.65 -14.80 -6.89
CA ASP B 497 -19.61 -15.56 -6.13
C ASP B 497 -18.26 -15.47 -6.86
N ALA B 498 -18.26 -15.64 -8.18
CA ALA B 498 -17.04 -15.60 -9.03
C ALA B 498 -16.47 -14.18 -9.01
N TYR B 499 -17.32 -13.16 -9.18
CA TYR B 499 -16.92 -11.73 -9.12
C TYR B 499 -16.26 -11.43 -7.76
N ASN B 500 -16.91 -11.81 -6.67
CA ASN B 500 -16.40 -11.57 -5.29
C ASN B 500 -15.06 -12.30 -5.09
N MET B 501 -14.93 -13.52 -5.58
CA MET B 501 -13.68 -14.33 -5.53
C MET B 501 -12.56 -13.56 -6.25
N MET B 502 -12.85 -13.01 -7.44
CA MET B 502 -11.89 -12.28 -8.29
C MET B 502 -11.42 -11.00 -7.60
N ILE B 503 -12.34 -10.21 -7.05
CA ILE B 503 -12.03 -8.95 -6.31
C ILE B 503 -11.19 -9.31 -5.07
N SER B 504 -11.63 -10.28 -4.28
CA SER B 504 -10.94 -10.76 -3.06
C SER B 504 -9.54 -11.29 -3.40
N ALA B 505 -9.33 -11.83 -4.61
CA ALA B 505 -8.02 -12.32 -5.09
C ALA B 505 -7.08 -11.16 -5.51
N GLY B 506 -7.58 -9.92 -5.60
CA GLY B 506 -6.76 -8.69 -5.79
C GLY B 506 -6.87 -8.10 -7.20
N PHE B 507 -7.81 -8.57 -8.02
CA PHE B 507 -8.03 -8.08 -9.41
C PHE B 507 -9.07 -6.95 -9.39
N SER B 508 -8.84 -5.92 -10.19
CA SER B 508 -9.79 -4.79 -10.42
C SER B 508 -10.08 -4.68 -11.90
N LEU B 509 -11.30 -4.24 -12.22
CA LEU B 509 -11.87 -4.16 -13.58
C LEU B 509 -12.20 -2.70 -13.89
N TRP B 510 -11.75 -2.24 -15.05
CA TRP B 510 -11.90 -0.84 -15.53
C TRP B 510 -12.45 -0.90 -16.95
N VAL B 511 -13.14 0.16 -17.37
CA VAL B 511 -13.85 0.16 -18.68
C VAL B 511 -13.91 1.60 -19.21
N TYR B 512 -14.00 1.74 -20.53
CA TYR B 512 -14.27 3.02 -21.24
C TYR B 512 -15.43 3.74 -20.52
N LYS B 513 -15.30 5.05 -20.31
CA LYS B 513 -16.22 5.84 -19.46
C LYS B 513 -17.67 5.77 -19.98
N GLN B 514 -17.89 5.50 -21.27
CA GLN B 514 -19.23 5.52 -21.91
C GLN B 514 -19.93 4.18 -21.69
N PHE B 515 -19.25 3.15 -21.16
CA PHE B 515 -19.89 1.85 -20.85
C PHE B 515 -21.09 2.08 -19.92
N ASP B 516 -22.22 1.46 -20.25
CA ASP B 516 -23.48 1.53 -19.47
C ASP B 516 -24.30 0.29 -19.77
N THR B 517 -24.97 -0.25 -18.75
CA THR B 517 -25.87 -1.42 -18.86
C THR B 517 -27.23 -1.02 -19.50
N TYR B 518 -27.51 0.28 -19.65
CA TYR B 518 -28.66 0.81 -20.43
C TYR B 518 -28.79 0.06 -21.76
N ASN B 519 -27.69 -0.05 -22.49
CA ASN B 519 -27.65 -0.59 -23.88
C ASN B 519 -27.77 -2.11 -23.87
N LEU B 520 -27.55 -2.77 -22.72
CA LEU B 520 -27.72 -4.24 -22.57
C LEU B 520 -29.21 -4.58 -22.38
N TRP B 521 -29.97 -3.70 -21.73
CA TRP B 521 -31.45 -3.83 -21.62
C TRP B 521 -32.09 -3.80 -23.02
N ASN B 522 -31.56 -2.95 -23.92
CA ASN B 522 -32.01 -2.78 -25.33
C ASN B 522 -31.89 -4.09 -26.11
N THR B 523 -30.89 -4.93 -25.79
CA THR B 523 -30.61 -6.21 -26.51
C THR B 523 -31.77 -7.22 -26.34
N PHE B 524 -32.72 -6.96 -25.43
CA PHE B 524 -33.98 -7.73 -25.26
C PHE B 524 -35.12 -7.03 -26.03
ZN ZN C . 9.42 33.35 -1.60
ZN ZN D . 5.98 4.11 13.89
ZN ZN E . -36.66 14.62 -14.44
N SAH F . -19.15 10.97 11.12
CA SAH F . -18.45 12.23 11.43
CB SAH F . -16.96 11.98 11.59
CG SAH F . -16.31 12.88 12.60
SD SAH F . -14.58 12.49 12.86
C SAH F . -18.67 13.26 10.31
O SAH F . -18.00 14.31 10.32
OXT SAH F . -19.51 13.04 9.40
C5' SAH F . -14.59 10.79 13.45
C4' SAH F . -15.37 10.57 14.72
O4' SAH F . -15.37 9.16 15.02
C3' SAH F . -14.80 11.28 15.95
O3' SAH F . -15.84 12.07 16.51
C2' SAH F . -14.31 10.13 16.85
O2' SAH F . -14.43 10.39 18.24
C1' SAH F . -15.22 9.00 16.40
N9 SAH F . -14.70 7.65 16.58
C8 SAH F . -13.52 7.15 16.11
N7 SAH F . -13.34 5.87 16.39
C5 SAH F . -14.50 5.51 17.05
C6 SAH F . -14.92 4.29 17.61
N6 SAH F . -14.21 3.17 17.56
N1 SAH F . -16.16 4.26 18.19
C2 SAH F . -16.87 5.41 18.24
N3 SAH F . -16.57 6.61 17.76
C4 SAH F . -15.35 6.60 17.18
C2 A1JDF G . -19.44 16.23 12.49
C3 A1JDF G . -20.71 15.63 12.40
C4 A1JDF G . -21.60 16.02 11.44
C5 A1JDF G . -21.24 17.04 10.54
C6 A1JDF G . -21.94 17.67 9.43
C11 A1JDF G . -18.82 20.76 10.11
C12 A1JDF G . -19.95 17.66 10.61
C16 A1JDF G . -15.77 17.63 10.10
C18 A1JDF G . -15.01 16.90 9.10
C19 A1JDF G . -15.16 15.58 8.81
C21 A1JDF G . -13.60 16.35 7.46
C24 A1JDF G . -13.56 18.79 8.21
O26 A1JDF G . -15.50 13.01 7.59
C30 A1JDF G . -12.04 11.33 9.72
C31 A1JDF G . -11.75 10.68 10.99
C35 A1JDF G . -11.01 10.90 8.87
C36 A1JDF G . -10.98 11.33 7.57
C37 A1JDF G . -9.85 10.83 6.72
C38 A1JDF G . -11.95 12.15 7.08
F1 A1JDF G . -18.56 15.80 13.43
N7 A1JDF G . -21.16 18.57 8.91
N8 A1JDF G . -19.95 18.58 9.58
C9 A1JDF G . -18.89 19.52 9.23
C10 A1JDF G . -19.26 20.88 8.66
C13 A1JDF G . -19.06 17.23 11.60
C14 A1JDF G . -17.67 17.82 11.70
N15 A1JDF G . -16.86 17.10 10.68
O17 A1JDF G . -15.42 18.76 10.38
C20 A1JDF G . -14.29 15.22 7.82
C22 A1JDF G . -12.55 16.48 6.38
N23 A1JDF G . -14.03 17.38 8.25
S25 A1JDF G . -14.25 13.58 7.20
O27 A1JDF G . -14.01 13.65 5.79
C28 A1JDF G . -13.00 12.57 7.91
C29 A1JDF G . -13.05 12.18 9.23
N32 A1JDF G . -10.68 9.94 10.85
N33 A1JDF G . -10.18 10.08 9.55
CL CL H . 0.98 9.10 3.36
CL CL I . -11.36 8.29 19.15
C1 EDO J . -27.93 9.38 24.61
O1 EDO J . -29.27 9.12 25.00
C2 EDO J . -27.09 10.02 25.65
O2 EDO J . -26.28 9.12 26.39
C1 EDO K . -31.67 9.74 28.58
O1 EDO K . -33.00 9.67 28.07
C2 EDO K . -30.65 9.90 27.53
O2 EDO K . -29.34 10.09 28.02
C1 EDO L . 1.69 26.43 3.02
O1 EDO L . 1.24 26.79 1.71
C2 EDO L . 1.34 27.43 4.07
O2 EDO L . 0.21 27.07 4.88
C1 EDO M . 8.60 2.41 27.73
O1 EDO M . 9.82 1.71 27.84
C2 EDO M . 7.49 1.84 28.54
O2 EDO M . 7.90 1.43 29.82
C1 EDO N . -4.01 13.55 22.58
O1 EDO N . -3.69 12.48 21.71
C2 EDO N . -5.08 14.44 22.09
O2 EDO N . -5.86 13.85 21.06
C1 EDO O . -9.65 9.00 16.16
O1 EDO O . -8.93 9.82 17.05
C2 EDO O . -10.65 9.75 15.34
O2 EDO O . -10.07 10.47 14.27
C1 EDO P . 23.65 35.45 9.72
O1 EDO P . 24.30 34.82 8.64
C2 EDO P . 22.21 35.14 9.80
O2 EDO P . 21.67 34.74 8.56
N1 IMD Q . -22.88 7.79 -4.59
C2 IMD Q . -24.02 7.27 -5.00
N3 IMD Q . -23.87 5.97 -5.08
C4 IMD Q . -22.61 5.64 -4.68
C5 IMD Q . -21.99 6.78 -4.37
ZN ZN R . 5.99 -31.83 9.33
ZN ZN S . 14.85 -3.45 -5.11
ZN ZN T . -34.55 -16.22 -17.03
N SAH U . -4.31 -11.65 -21.63
CA SAH U . -3.56 -12.88 -21.20
CB SAH U . -2.42 -12.49 -20.25
CG SAH U . -1.21 -13.40 -20.33
SD SAH U . 0.15 -12.88 -19.28
C SAH U . -4.53 -13.87 -20.54
O SAH U . -4.13 -14.86 -19.88
OXT SAH U . -5.76 -13.72 -20.65
C5' SAH U . 0.51 -11.20 -19.83
C4' SAH U . 0.92 -11.07 -21.29
O4' SAH U . 1.04 -9.67 -21.59
C3' SAH U . 2.27 -11.73 -21.65
O3' SAH U . 2.17 -12.52 -22.82
C2' SAH U . 3.20 -10.53 -21.85
O2' SAH U . 4.19 -10.74 -22.85
C1' SAH U . 2.21 -9.47 -22.35
N9 SAH U . 2.62 -8.10 -22.17
C8 SAH U . 3.08 -7.51 -21.01
N7 SAH U . 3.31 -6.23 -21.14
C5 SAH U . 2.97 -5.95 -22.46
C6 SAH U . 2.98 -4.76 -23.21
N6 SAH U . 3.32 -3.57 -22.72
N1 SAH U . 2.55 -4.83 -24.49
C2 SAH U . 2.19 -6.03 -25.00
N3 SAH U . 2.14 -7.20 -24.38
C4 SAH U . 2.55 -7.10 -23.10
N1 IMD V . 10.71 -42.18 14.72
C2 IMD V . 11.45 -41.48 13.86
N3 IMD V . 11.65 -40.27 14.36
C4 IMD V . 11.03 -40.20 15.57
C5 IMD V . 10.43 -41.39 15.79
N1 IMD W . 16.32 -39.54 13.40
C2 IMD W . 15.03 -39.20 13.37
N3 IMD W . 14.42 -40.01 12.52
C4 IMD W . 15.33 -40.91 12.03
C5 IMD W . 16.52 -40.61 12.58
N1 IMD X . 11.32 -42.12 9.61
C2 IMD X . 12.09 -41.45 10.49
N3 IMD X . 11.61 -40.23 10.61
C4 IMD X . 10.51 -40.10 9.80
C5 IMD X . 10.33 -41.27 9.19
C2 A1JDF Y . -3.25 -16.84 -22.44
C3 A1JDF Y . -4.15 -16.33 -23.38
C4 A1JDF Y . -5.45 -16.76 -23.39
C5 A1JDF Y . -5.88 -17.71 -22.47
C6 A1JDF Y . -7.16 -18.33 -22.25
C11 A1JDF Y . -4.48 -21.27 -20.08
C12 A1JDF Y . -4.97 -18.25 -21.52
C16 A1JDF Y . -2.40 -18.01 -18.09
C18 A1JDF Y . -2.67 -17.21 -16.90
C19 A1JDF Y . -3.07 -15.89 -16.89
C21 A1JDF Y . -2.97 -16.55 -14.77
C24 A1JDF Y . -2.25 -18.95 -15.09
O26 A1JDF Y . -4.24 -13.34 -16.41
C30 A1JDF Y . -0.47 -11.48 -15.23
C31 A1JDF Y . 0.65 -10.83 -15.87
C35 A1JDF Y . -0.44 -10.99 -13.92
C36 A1JDF Y . -1.37 -11.42 -13.05
C37 A1JDF Y . -1.20 -10.82 -11.69
C38 A1JDF Y . -2.35 -12.30 -13.42
F1 A1JDF Y . -1.97 -16.41 -22.45
N7 A1JDF Y . -7.02 -19.16 -21.25
N8 A1JDF Y . -5.71 -19.14 -20.78
C9 A1JDF Y . -5.26 -20.00 -19.69
C10 A1JDF Y . -5.90 -21.38 -19.54
C13 A1JDF Y . -3.64 -17.80 -21.53
C14 A1JDF Y . -2.59 -18.29 -20.55
N15 A1JDF Y . -2.80 -17.54 -19.31
O17 A1JDF Y . -1.82 -19.07 -18.00
C20 A1JDF Y . -3.25 -15.49 -15.57
C22 A1JDF Y . -3.03 -16.60 -13.27
N23 A1JDF Y . -2.62 -17.62 -15.57
S25 A1JDF Y . -3.75 -13.87 -15.17
O27 A1JDF Y . -4.68 -13.87 -14.07
C28 A1JDF Y . -2.42 -12.80 -14.71
C29 A1JDF Y . -1.48 -12.39 -15.63
N32 A1JDF Y . 1.25 -10.03 -14.98
N33 A1JDF Y . 0.60 -10.13 -13.74
CL CL Z . 6.90 -8.20 -21.48
CL CL AA . 1.73 -8.14 -0.73
ZN ZN BA . 12.36 -39.46 12.48
C1 EDO CA . 24.79 -29.47 13.93
O1 EDO CA . 26.01 -29.12 13.33
C2 EDO CA . 24.54 -30.92 13.87
O2 EDO CA . 23.79 -31.39 14.96
C1 EDO DA . 0.43 -19.66 21.58
O1 EDO DA . 0.05 -19.27 20.28
C2 EDO DA . 0.12 -21.09 21.86
O2 EDO DA . 0.89 -21.61 22.92
C1 EDO EA . -16.93 2.40 -31.86
O1 EDO EA . -16.26 1.36 -32.57
C2 EDO EA . -18.19 1.98 -31.19
O2 EDO EA . -19.02 1.17 -31.98
C1 EDO FA . 4.85 -21.64 -25.40
O1 EDO FA . 5.33 -22.90 -24.95
C2 EDO FA . 5.83 -20.52 -25.24
O2 EDO FA . 7.02 -20.91 -24.55
C1 EDO GA . -2.26 -1.53 -34.17
O1 EDO GA . -1.20 -1.34 -35.08
C2 EDO GA . -3.60 -1.30 -34.75
O2 EDO GA . -3.92 0.07 -34.81
C1 EDO HA . 11.38 -13.04 1.00
O1 EDO HA . 11.76 -11.74 1.37
C2 EDO HA . 9.98 -13.10 0.50
O2 EDO HA . 9.36 -14.36 0.70
N1 IMD IA . -18.68 -6.28 -13.84
C2 IMD IA . -19.58 -7.00 -14.49
N3 IMD IA . -19.23 -8.27 -14.40
C4 IMD IA . -18.07 -8.35 -13.69
C5 IMD IA . -17.72 -7.11 -13.34
C1 IPA JA . 5.73 -23.89 12.94
C2 IPA JA . 6.60 -22.69 13.15
C3 IPA JA . 6.85 -22.34 14.58
O2 IPA JA . 6.00 -21.57 12.48
C1 IPA KA . 6.77 -9.42 -17.15
C2 IPA KA . 5.62 -10.36 -17.45
C3 IPA KA . 4.57 -9.79 -18.38
O2 IPA KA . 4.98 -10.78 -16.22
C1 IPA LA . -4.44 -25.20 -14.03
C2 IPA LA . -3.24 -25.22 -13.12
C3 IPA LA . -3.28 -24.26 -11.97
O2 IPA LA . -3.09 -26.55 -12.62
C1 IPA MA . 10.49 -20.15 -22.82
C2 IPA MA . 9.70 -18.89 -23.03
C3 IPA MA . 10.29 -17.71 -22.31
O2 IPA MA . 8.30 -19.04 -22.68
S SO4 NA . -35.10 -2.78 -12.41
O1 SO4 NA . -35.64 -4.06 -12.83
O2 SO4 NA . -35.26 -2.65 -10.98
O3 SO4 NA . -33.71 -2.70 -12.76
O4 SO4 NA . -35.81 -1.72 -13.06
S SO4 OA . -32.62 1.43 -17.62
O1 SO4 OA . -32.47 2.69 -16.95
O2 SO4 OA . -33.40 0.54 -16.79
O3 SO4 OA . -33.29 1.65 -18.88
O4 SO4 OA . -31.33 0.85 -17.86
#